data_3SY3
#
_entry.id   3SY3
#
_cell.length_a   67.322
_cell.length_b   85.997
_cell.length_c   76.513
_cell.angle_alpha   90.000
_cell.angle_beta   102.120
_cell.angle_gamma   90.000
#
_symmetry.space_group_name_H-M   'P 1 21 1'
#
loop_
_entity.id
_entity.type
_entity.pdbx_description
1 polymer 'GBAA_1210 protein'
2 non-polymer 'PHOSPHATE ION'
3 water water
#
_entity_poly.entity_id   1
_entity_poly.type   'polypeptide(L)'
_entity_poly.pdbx_seq_one_letter_code
;SNA(MSE)TQEIEIEFKNIVTEEEFHALCKSFSIEVFTKQVNHYFETPNSSLKEAGSALRIRHKGETYTLTLKQPAEVGL
LETHQVVTENEAK(MSE)(MSE)(MSE)ETNVIISGAV(MSE)NQLCKLQIPVSALTY(MSE)GSLTTERAETLFEGGTL
VFDHSFYYNHDDYEIEFEVQDEETGKAAFIHLLKQHNIPIRHTNNKVKRFFLAKQNKAR
;
_entity_poly.pdbx_strand_id   A,B,C,D
#
loop_
_chem_comp.id
_chem_comp.type
_chem_comp.name
_chem_comp.formula
PO4 non-polymer 'PHOSPHATE ION' 'O4 P -3'
#
# COMPACT_ATOMS: atom_id res chain seq x y z
N ALA A 3 -36.23 21.54 -34.84
CA ALA A 3 -35.56 20.27 -34.49
C ALA A 3 -34.22 20.09 -35.22
N MSE A 4 -34.00 20.79 -36.35
CA MSE A 4 -32.70 20.70 -37.02
C MSE A 4 -32.20 22.03 -37.52
O MSE A 4 -32.95 22.82 -38.05
CB MSE A 4 -32.69 19.62 -38.12
CG MSE A 4 -32.63 20.13 -39.54
SE MSE A 4 -30.88 20.67 -40.26
CE MSE A 4 -31.51 20.28 -42.05
N THR A 5 -30.91 22.30 -37.29
CA THR A 5 -30.33 23.53 -37.77
C THR A 5 -28.90 23.26 -38.32
N GLN A 6 -28.42 24.19 -39.13
CA GLN A 6 -27.04 24.22 -39.57
C GLN A 6 -26.56 25.64 -39.44
N GLU A 7 -25.27 25.80 -39.18
CA GLU A 7 -24.66 27.12 -38.92
CA GLU A 7 -24.66 27.12 -38.99
C GLU A 7 -23.19 27.01 -39.29
N ILE A 8 -22.60 28.10 -39.72
CA ILE A 8 -21.15 28.10 -39.97
C ILE A 8 -20.65 28.75 -38.71
N GLU A 9 -19.59 28.21 -38.11
CA GLU A 9 -19.13 28.65 -36.79
C GLU A 9 -17.63 28.81 -36.78
N ILE A 10 -17.17 29.91 -36.21
CA ILE A 10 -15.74 30.14 -36.08
C ILE A 10 -15.40 30.23 -34.61
N GLU A 11 -14.51 29.39 -34.14
CA GLU A 11 -14.19 29.31 -32.71
C GLU A 11 -12.78 29.64 -32.32
N PHE A 12 -12.62 30.59 -31.42
CA PHE A 12 -11.33 30.80 -30.81
C PHE A 12 -11.36 30.23 -29.42
N LYS A 13 -10.25 29.60 -29.01
CA LYS A 13 -10.14 29.03 -27.66
C LYS A 13 -8.78 29.33 -27.01
N ASN A 14 -8.80 29.63 -25.70
CA ASN A 14 -7.61 29.84 -24.94
C ASN A 14 -7.68 29.08 -23.60
N ILE A 15 -6.64 28.30 -23.27
CA ILE A 15 -6.55 27.67 -21.94
C ILE A 15 -6.23 28.74 -20.89
N VAL A 16 -6.99 28.76 -19.80
CA VAL A 16 -6.69 29.70 -18.70
C VAL A 16 -6.45 28.98 -17.36
N THR A 17 -5.82 29.66 -16.41
CA THR A 17 -5.67 29.17 -15.05
C THR A 17 -6.99 29.37 -14.33
N GLU A 18 -7.20 28.63 -13.25
CA GLU A 18 -8.39 28.82 -12.44
C GLU A 18 -8.52 30.27 -11.99
N GLU A 19 -7.38 30.88 -11.70
CA GLU A 19 -7.38 32.24 -11.14
C GLU A 19 -7.80 33.25 -12.22
N GLU A 20 -7.18 33.11 -13.38
CA GLU A 20 -7.58 33.84 -14.60
C GLU A 20 -9.06 33.61 -14.89
N PHE A 21 -9.49 32.36 -14.85
CA PHE A 21 -10.89 31.99 -15.12
C PHE A 21 -11.82 32.74 -14.16
N HIS A 22 -11.60 32.66 -12.85
CA HIS A 22 -12.49 33.35 -11.87
C HIS A 22 -12.45 34.84 -12.05
N ALA A 23 -11.29 35.40 -12.33
CA ALA A 23 -11.20 36.85 -12.55
C ALA A 23 -12.00 37.30 -13.78
N LEU A 24 -11.86 36.56 -14.88
CA LEU A 24 -12.62 36.88 -16.09
C LEU A 24 -14.12 36.68 -15.86
N CYS A 25 -14.50 35.65 -15.12
CA CYS A 25 -15.92 35.53 -14.74
C CYS A 25 -16.46 36.76 -13.97
N LYS A 26 -15.70 37.22 -13.00
CA LYS A 26 -16.12 38.38 -12.18
C LYS A 26 -16.26 39.61 -13.05
N SER A 27 -15.38 39.80 -14.03
CA SER A 27 -15.54 40.92 -14.99
C SER A 27 -16.85 40.89 -15.79
N PHE A 28 -17.42 39.71 -15.99
CA PHE A 28 -18.62 39.57 -16.82
C PHE A 28 -19.89 39.19 -16.02
N SER A 29 -19.87 39.32 -14.71
CA SER A 29 -21.03 38.99 -13.88
C SER A 29 -21.54 37.57 -14.14
N ILE A 30 -20.61 36.63 -14.41
CA ILE A 30 -20.89 35.20 -14.58
C ILE A 30 -20.80 34.46 -13.25
N GLU A 31 -21.94 33.99 -12.74
CA GLU A 31 -21.98 33.22 -11.50
C GLU A 31 -22.56 31.80 -11.69
N VAL A 32 -23.58 31.66 -12.54
CA VAL A 32 -24.29 30.42 -12.74
C VAL A 32 -23.68 29.62 -13.89
N PHE A 33 -23.42 28.36 -13.63
CA PHE A 33 -22.95 27.44 -14.63
C PHE A 33 -23.94 26.32 -14.86
N THR A 34 -24.05 25.90 -16.10
CA THR A 34 -24.99 24.91 -16.51
C THR A 34 -24.18 23.67 -16.94
N LYS A 35 -24.57 22.55 -16.38
CA LYS A 35 -23.92 21.28 -16.67
C LYS A 35 -24.33 20.79 -18.06
N GLN A 36 -23.38 20.13 -18.70
CA GLN A 36 -23.57 19.67 -20.04
C GLN A 36 -22.71 18.41 -20.21
N VAL A 37 -23.24 17.37 -20.81
CA VAL A 37 -22.47 16.17 -21.01
C VAL A 37 -22.37 15.86 -22.48
N ASN A 38 -21.18 15.64 -22.97
CA ASN A 38 -21.05 15.34 -24.35
C ASN A 38 -20.67 13.87 -24.52
N HIS A 39 -21.44 13.15 -25.33
CA HIS A 39 -21.23 11.74 -25.60
C HIS A 39 -20.64 11.61 -27.01
N TYR A 40 -19.43 11.13 -27.16
CA TYR A 40 -18.77 11.26 -28.43
C TYR A 40 -18.57 9.91 -29.09
N PHE A 41 -18.46 9.96 -30.42
CA PHE A 41 -18.45 8.78 -31.28
C PHE A 41 -17.22 8.85 -32.17
N GLU A 42 -16.70 7.74 -32.64
CA GLU A 42 -15.54 7.76 -33.56
C GLU A 42 -15.43 6.34 -34.09
N THR A 43 -14.65 6.14 -35.14
CA THR A 43 -14.37 4.79 -35.64
C THR A 43 -13.01 4.35 -35.11
N PRO A 44 -12.76 3.02 -35.09
CA PRO A 44 -11.45 2.51 -34.68
C PRO A 44 -10.27 3.14 -35.45
N ASN A 45 -10.51 3.57 -36.70
CA ASN A 45 -9.48 4.20 -37.56
C ASN A 45 -9.36 5.71 -37.32
N SER A 46 -10.21 6.26 -36.47
CA SER A 46 -10.25 7.72 -36.25
C SER A 46 -10.62 8.51 -37.51
N SER A 47 -11.55 7.98 -38.30
CA SER A 47 -12.03 8.63 -39.53
C SER A 47 -12.49 10.06 -39.35
N LEU A 48 -13.24 10.30 -38.30
CA LEU A 48 -13.74 11.62 -38.09
C LEU A 48 -12.58 12.57 -37.85
N LYS A 49 -11.62 12.15 -37.03
CA LYS A 49 -10.48 13.00 -36.75
C LYS A 49 -9.68 13.25 -38.01
N GLU A 50 -9.45 12.22 -38.80
CA GLU A 50 -8.84 12.35 -40.11
C GLU A 50 -9.52 13.46 -40.96
N ALA A 51 -10.84 13.56 -40.86
CA ALA A 51 -11.66 14.40 -41.72
C ALA A 51 -11.94 15.73 -41.04
N GLY A 52 -11.21 16.04 -39.98
CA GLY A 52 -11.32 17.34 -39.36
C GLY A 52 -12.68 17.49 -38.70
N SER A 53 -13.29 16.38 -38.29
CA SER A 53 -14.67 16.42 -37.85
C SER A 53 -14.91 15.76 -36.51
N ALA A 54 -16.09 16.00 -35.92
CA ALA A 54 -16.44 15.51 -34.57
C ALA A 54 -17.94 15.19 -34.56
N LEU A 55 -18.30 14.07 -33.93
CA LEU A 55 -19.67 13.68 -33.80
C LEU A 55 -19.99 13.43 -32.33
N ARG A 56 -21.00 14.12 -31.84
CA ARG A 56 -21.39 14.01 -30.45
C ARG A 56 -22.87 14.15 -30.24
N ILE A 57 -23.30 13.56 -29.12
CA ILE A 57 -24.64 13.84 -28.62
C ILE A 57 -24.45 14.64 -27.40
N ARG A 58 -25.00 15.83 -27.39
CA ARG A 58 -24.92 16.64 -26.21
C ARG A 58 -26.21 16.58 -25.40
N HIS A 59 -26.07 16.31 -24.10
CA HIS A 59 -27.20 16.30 -23.20
C HIS A 59 -27.06 17.50 -22.27
N LYS A 60 -28.01 18.39 -22.40
CA LYS A 60 -28.03 19.63 -21.64
C LYS A 60 -29.48 19.87 -21.28
N GLY A 61 -29.73 20.17 -20.02
CA GLY A 61 -31.05 20.43 -19.54
C GLY A 61 -31.96 19.30 -19.95
N GLU A 62 -33.01 19.64 -20.70
CA GLU A 62 -34.00 18.66 -21.11
C GLU A 62 -33.68 18.02 -22.43
N THR A 63 -32.66 18.53 -23.11
CA THR A 63 -32.45 18.31 -24.52
C THR A 63 -31.28 17.40 -24.84
N TYR A 64 -31.48 16.50 -25.78
CA TYR A 64 -30.39 15.83 -26.45
C TYR A 64 -30.27 16.32 -27.89
N THR A 65 -29.04 16.66 -28.30
CA THR A 65 -28.73 17.16 -29.61
C THR A 65 -27.57 16.35 -30.26
N LEU A 66 -27.86 15.72 -31.38
CA LEU A 66 -26.84 15.09 -32.18
C LEU A 66 -26.22 16.14 -33.05
N THR A 67 -24.90 16.29 -32.94
CA THR A 67 -24.21 17.37 -33.59
C THR A 67 -22.98 16.85 -34.34
N LEU A 68 -22.84 17.25 -35.57
CA LEU A 68 -21.65 16.94 -36.37
C LEU A 68 -20.92 18.24 -36.63
N LYS A 69 -19.61 18.27 -36.37
CA LYS A 69 -18.77 19.43 -36.78
C LYS A 69 -17.84 18.95 -37.88
N GLN A 70 -17.79 19.67 -39.02
CA GLN A 70 -16.88 19.33 -40.16
C GLN A 70 -16.26 20.59 -40.76
N PRO A 71 -15.15 20.48 -41.51
CA PRO A 71 -14.53 21.66 -42.11
C PRO A 71 -15.45 22.44 -43.03
N ALA A 72 -15.31 23.76 -42.96
CA ALA A 72 -15.89 24.69 -43.85
C ALA A 72 -14.68 25.42 -44.44
N GLU A 73 -14.89 26.29 -45.41
CA GLU A 73 -13.77 27.06 -46.01
C GLU A 73 -12.98 27.80 -44.97
N VAL A 74 -13.69 28.51 -44.08
CA VAL A 74 -13.09 28.89 -42.77
C VAL A 74 -13.97 28.51 -41.53
N GLY A 75 -13.32 28.02 -40.49
CA GLY A 75 -14.05 27.47 -39.35
C GLY A 75 -14.73 26.16 -39.72
N LEU A 76 -15.93 25.98 -39.19
CA LEU A 76 -16.62 24.70 -39.21
C LEU A 76 -18.07 24.83 -39.66
N LEU A 77 -18.58 23.83 -40.34
CA LEU A 77 -20.01 23.72 -40.61
C LEU A 77 -20.59 22.78 -39.56
N GLU A 78 -21.45 23.34 -38.72
CA GLU A 78 -22.17 22.58 -37.70
C GLU A 78 -23.55 22.15 -38.20
N THR A 79 -23.87 20.88 -38.01
CA THR A 79 -25.22 20.36 -38.20
C THR A 79 -25.77 19.83 -36.86
N HIS A 80 -26.92 20.34 -36.45
CA HIS A 80 -27.55 19.95 -35.18
C HIS A 80 -28.91 19.30 -35.43
N GLN A 81 -29.17 18.19 -34.77
CA GLN A 81 -30.42 17.51 -34.88
C GLN A 81 -30.90 17.11 -33.50
N VAL A 82 -32.00 17.69 -33.05
CA VAL A 82 -32.53 17.38 -31.72
C VAL A 82 -33.15 15.99 -31.79
N VAL A 83 -32.91 15.19 -30.78
CA VAL A 83 -33.34 13.81 -30.81
C VAL A 83 -33.95 13.52 -29.46
N THR A 84 -34.67 12.41 -29.37
CA THR A 84 -35.29 12.00 -28.12
C THR A 84 -34.28 11.27 -27.25
N GLU A 85 -34.60 11.21 -25.94
CA GLU A 85 -33.84 10.39 -25.01
C GLU A 85 -33.67 9.01 -25.57
N ASN A 86 -34.76 8.36 -25.94
CA ASN A 86 -34.69 7.00 -26.52
C ASN A 86 -33.79 6.90 -27.71
N GLU A 87 -33.93 7.83 -28.64
CA GLU A 87 -33.04 7.87 -29.79
C GLU A 87 -31.57 8.01 -29.35
N ALA A 88 -31.29 8.94 -28.44
CA ALA A 88 -29.93 9.09 -27.92
C ALA A 88 -29.38 7.80 -27.27
N LYS A 89 -30.18 7.18 -26.46
CA LYS A 89 -29.77 5.94 -25.85
C LYS A 89 -29.52 4.84 -26.84
N MSE A 90 -30.38 4.74 -27.84
CA MSE A 90 -30.21 3.72 -28.90
C MSE A 90 -28.89 3.87 -29.63
O MSE A 90 -28.25 2.87 -29.96
CB MSE A 90 -31.34 3.76 -29.92
CG MSE A 90 -30.92 3.32 -31.35
SE MSE A 90 -32.38 3.49 -32.59
CE MSE A 90 -31.93 1.97 -33.79
N MSE A 91 -28.53 5.11 -29.95
CA MSE A 91 -27.27 5.34 -30.63
C MSE A 91 -26.11 4.95 -29.74
O MSE A 91 -25.16 4.35 -30.21
CB MSE A 91 -27.14 6.82 -31.02
CG MSE A 91 -28.15 7.23 -32.05
SE MSE A 91 -27.78 8.94 -32.87
CE MSE A 91 -29.00 9.94 -31.80
N MSE A 92 -26.20 5.29 -28.47
CA MSE A 92 -25.10 4.99 -27.56
C MSE A 92 -24.99 3.47 -27.37
O MSE A 92 -23.90 2.93 -27.34
CB MSE A 92 -25.24 5.75 -26.21
CG MSE A 92 -24.75 7.23 -26.23
SE MSE A 92 -25.33 8.15 -24.64
CE MSE A 92 -26.77 9.11 -25.30
N GLU A 93 -26.11 2.75 -27.33
CA GLU A 93 -26.09 1.28 -27.03
C GLU A 93 -25.82 0.40 -28.21
N THR A 94 -26.31 0.80 -29.38
CA THR A 94 -26.22 -0.05 -30.55
C THR A 94 -25.18 0.43 -31.52
N ASN A 95 -24.71 1.68 -31.33
CA ASN A 95 -23.80 2.33 -32.26
C ASN A 95 -24.40 2.69 -33.60
N VAL A 96 -25.72 2.83 -33.72
CA VAL A 96 -26.31 3.13 -35.02
C VAL A 96 -26.77 4.56 -35.01
N ILE A 97 -26.31 5.35 -36.00
CA ILE A 97 -26.69 6.72 -36.12
C ILE A 97 -28.07 6.82 -36.77
N ILE A 98 -28.98 7.47 -36.07
CA ILE A 98 -30.32 7.82 -36.55
C ILE A 98 -30.27 8.52 -37.90
N SER A 99 -31.35 8.44 -38.65
CA SER A 99 -31.36 9.08 -39.95
C SER A 99 -31.73 10.57 -39.84
N GLY A 100 -31.41 11.30 -40.92
CA GLY A 100 -31.68 12.72 -41.02
C GLY A 100 -30.45 13.50 -41.44
N ALA A 101 -30.47 14.78 -41.11
CA ALA A 101 -29.50 15.76 -41.60
C ALA A 101 -28.07 15.41 -41.23
N VAL A 102 -27.85 14.93 -40.00
CA VAL A 102 -26.51 14.55 -39.57
C VAL A 102 -26.04 13.31 -40.37
N MSE A 103 -26.87 12.28 -40.48
CA MSE A 103 -26.52 11.11 -41.32
C MSE A 103 -26.19 11.53 -42.77
O MSE A 103 -25.20 11.06 -43.36
CB MSE A 103 -27.65 10.10 -41.34
CG MSE A 103 -27.45 8.97 -42.37
SE MSE A 103 -25.99 7.88 -41.73
CE MSE A 103 -27.09 6.92 -40.46
N ASN A 104 -27.01 12.40 -43.35
CA ASN A 104 -26.75 12.80 -44.72
C ASN A 104 -25.37 13.43 -44.86
N GLN A 105 -24.98 14.29 -43.90
CA GLN A 105 -23.64 14.94 -43.93
C GLN A 105 -22.51 13.93 -43.78
N LEU A 106 -22.72 12.95 -42.92
CA LEU A 106 -21.70 11.92 -42.71
C LEU A 106 -21.49 11.08 -43.97
N CYS A 107 -22.56 10.81 -44.71
CA CYS A 107 -22.41 10.07 -45.96
C CYS A 107 -21.64 10.90 -46.97
N LYS A 108 -21.95 12.18 -47.07
CA LYS A 108 -21.21 13.04 -48.01
C LYS A 108 -19.73 13.16 -47.66
N LEU A 109 -19.40 13.15 -46.36
CA LEU A 109 -18.02 13.13 -45.92
C LEU A 109 -17.29 11.81 -46.26
N GLN A 110 -18.03 10.77 -46.58
CA GLN A 110 -17.45 9.45 -46.83
C GLN A 110 -16.79 8.90 -45.54
N ILE A 111 -17.54 8.97 -44.44
CA ILE A 111 -17.14 8.34 -43.21
C ILE A 111 -17.74 6.97 -43.27
N PRO A 112 -16.99 5.93 -42.85
CA PRO A 112 -17.59 4.60 -42.84
C PRO A 112 -18.59 4.50 -41.72
N VAL A 113 -19.81 4.93 -41.96
CA VAL A 113 -20.77 5.09 -40.86
C VAL A 113 -20.98 3.85 -40.01
N SER A 114 -20.85 2.66 -40.58
CA SER A 114 -21.19 1.40 -39.88
C SER A 114 -20.13 1.04 -38.83
N ALA A 115 -18.94 1.61 -38.99
CA ALA A 115 -17.85 1.57 -38.02
C ALA A 115 -17.99 2.52 -36.81
N LEU A 116 -18.81 3.55 -36.87
CA LEU A 116 -18.84 4.52 -35.76
C LEU A 116 -19.25 3.79 -34.50
N THR A 117 -18.50 4.02 -33.42
CA THR A 117 -18.83 3.50 -32.11
C THR A 117 -18.81 4.65 -31.14
N TYR A 118 -19.69 4.55 -30.15
CA TYR A 118 -19.70 5.34 -28.95
C TYR A 118 -18.47 5.09 -28.09
N MSE A 119 -17.64 6.13 -27.91
CA MSE A 119 -16.30 5.93 -27.38
C MSE A 119 -16.16 6.46 -25.97
O MSE A 119 -15.28 6.03 -25.25
CB MSE A 119 -15.27 6.66 -28.26
CG MSE A 119 -14.88 5.97 -29.58
SE MSE A 119 -14.31 4.22 -29.24
CE MSE A 119 -13.63 3.73 -31.05
N GLY A 120 -17.00 7.40 -25.58
CA GLY A 120 -16.94 7.93 -24.23
C GLY A 120 -17.73 9.18 -23.98
N SER A 121 -17.48 9.83 -22.82
CA SER A 121 -18.20 11.01 -22.48
C SER A 121 -17.44 11.89 -21.48
N LEU A 122 -17.81 13.15 -21.42
CA LEU A 122 -17.16 14.08 -20.49
C LEU A 122 -18.10 15.16 -20.09
N THR A 123 -17.93 15.69 -18.90
CA THR A 123 -18.87 16.65 -18.36
C THR A 123 -18.17 17.99 -18.47
N THR A 124 -18.96 19.02 -18.78
CA THR A 124 -18.53 20.38 -18.84
C THR A 124 -19.57 21.25 -18.09
N GLU A 125 -19.06 22.17 -17.32
CA GLU A 125 -19.86 23.19 -16.62
C GLU A 125 -19.58 24.49 -17.39
N ARG A 126 -20.64 25.08 -17.94
CA ARG A 126 -20.54 26.16 -18.92
C ARG A 126 -21.45 27.36 -18.69
N ALA A 127 -20.92 28.53 -19.01
CA ALA A 127 -21.68 29.78 -18.98
C ALA A 127 -21.29 30.54 -20.24
N GLU A 128 -22.25 31.26 -20.79
CA GLU A 128 -22.12 31.97 -22.06
C GLU A 128 -22.58 33.41 -21.82
N THR A 129 -21.91 34.37 -22.45
CA THR A 129 -22.44 35.74 -22.51
C THR A 129 -22.20 36.27 -23.92
N LEU A 130 -23.14 37.06 -24.40
CA LEU A 130 -22.97 37.72 -25.71
C LEU A 130 -21.98 38.89 -25.58
N PHE A 131 -20.99 38.93 -26.47
CA PHE A 131 -19.92 39.92 -26.37
C PHE A 131 -19.33 40.22 -27.73
N GLU A 132 -19.23 41.50 -28.07
CA GLU A 132 -18.74 41.94 -29.37
C GLU A 132 -19.45 41.21 -30.50
N GLY A 133 -18.72 40.65 -31.46
CA GLY A 133 -19.41 39.98 -32.55
C GLY A 133 -19.98 38.59 -32.19
N GLY A 134 -19.92 38.16 -30.93
CA GLY A 134 -20.44 36.82 -30.65
C GLY A 134 -20.69 36.29 -29.27
N THR A 135 -20.40 35.01 -29.10
CA THR A 135 -20.65 34.34 -27.87
C THR A 135 -19.35 33.96 -27.23
N LEU A 136 -19.14 34.54 -26.06
CA LEU A 136 -18.01 34.27 -25.18
C LEU A 136 -18.42 33.16 -24.23
N VAL A 137 -17.66 32.08 -24.26
CA VAL A 137 -17.98 30.87 -23.51
C VAL A 137 -16.95 30.61 -22.41
N PHE A 138 -17.44 30.32 -21.23
CA PHE A 138 -16.63 29.98 -20.05
C PHE A 138 -16.86 28.55 -19.66
N ASP A 139 -15.86 27.72 -19.89
CA ASP A 139 -15.99 26.26 -19.73
C ASP A 139 -15.08 25.76 -18.66
N HIS A 140 -15.61 24.87 -17.83
CA HIS A 140 -14.80 24.10 -16.89
C HIS A 140 -15.13 22.67 -17.15
N SER A 141 -14.19 21.93 -17.71
CA SER A 141 -14.46 20.59 -18.15
C SER A 141 -13.71 19.58 -17.30
N PHE A 142 -14.28 18.39 -17.12
CA PHE A 142 -13.72 17.31 -16.30
C PHE A 142 -13.33 16.12 -17.17
N TYR A 143 -12.07 16.01 -17.49
CA TYR A 143 -11.56 14.89 -18.28
C TYR A 143 -11.07 13.82 -17.32
N TYR A 144 -10.62 12.72 -17.92
CA TYR A 144 -10.25 11.52 -17.25
C TYR A 144 -9.14 11.78 -16.23
N ASN A 145 -8.03 12.32 -16.70
CA ASN A 145 -6.87 12.59 -15.85
C ASN A 145 -6.90 13.97 -15.11
N HIS A 146 -7.77 14.90 -15.51
CA HIS A 146 -7.60 16.31 -15.13
C HIS A 146 -8.80 17.17 -15.48
N ASP A 147 -8.87 18.34 -14.88
CA ASP A 147 -9.87 19.30 -15.23
C ASP A 147 -9.18 20.56 -15.75
N ASP A 148 -9.84 21.21 -16.71
CA ASP A 148 -9.37 22.43 -17.39
C ASP A 148 -10.39 23.55 -17.34
N TYR A 149 -9.87 24.76 -17.39
CA TYR A 149 -10.64 25.95 -17.59
C TYR A 149 -10.26 26.46 -18.95
N GLU A 150 -11.27 26.89 -19.72
CA GLU A 150 -11.06 27.40 -21.07
C GLU A 150 -12.00 28.56 -21.36
N ILE A 151 -11.53 29.53 -22.14
CA ILE A 151 -12.39 30.57 -22.66
C ILE A 151 -12.48 30.40 -24.12
N GLU A 152 -13.71 30.42 -24.64
CA GLU A 152 -13.95 30.37 -26.07
C GLU A 152 -14.83 31.52 -26.53
N PHE A 153 -14.68 31.81 -27.81
CA PHE A 153 -15.38 32.90 -28.46
C PHE A 153 -15.80 32.36 -29.81
N GLU A 154 -17.10 32.40 -30.03
CA GLU A 154 -17.74 31.80 -31.20
C GLU A 154 -18.29 32.99 -31.98
N VAL A 155 -17.80 33.16 -33.19
CA VAL A 155 -18.19 34.32 -33.99
C VAL A 155 -18.50 33.91 -35.42
N GLN A 156 -19.03 34.85 -36.17
CA GLN A 156 -19.26 34.68 -37.61
CA GLN A 156 -19.23 34.64 -37.61
C GLN A 156 -18.22 35.43 -38.47
N ASP A 157 -17.63 36.50 -37.94
CA ASP A 157 -16.59 37.27 -38.65
C ASP A 157 -15.22 36.96 -38.08
N GLU A 158 -14.46 36.20 -38.85
CA GLU A 158 -13.14 35.77 -38.44
C GLU A 158 -12.23 36.95 -38.06
N GLU A 159 -12.04 37.90 -38.99
CA GLU A 159 -11.06 38.98 -38.78
C GLU A 159 -11.36 39.78 -37.52
N THR A 160 -12.59 40.25 -37.39
CA THR A 160 -12.92 41.10 -36.26
C THR A 160 -13.06 40.25 -35.02
N GLY A 161 -13.47 39.01 -35.17
CA GLY A 161 -13.68 38.13 -34.02
C GLY A 161 -12.37 37.86 -33.31
N LYS A 162 -11.38 37.49 -34.11
CA LYS A 162 -10.05 37.22 -33.66
C LYS A 162 -9.46 38.43 -32.99
N ALA A 163 -9.57 39.63 -33.58
CA ALA A 163 -9.02 40.86 -32.95
C ALA A 163 -9.70 41.18 -31.64
N ALA A 164 -10.99 40.94 -31.57
CA ALA A 164 -11.70 41.24 -30.34
C ALA A 164 -11.28 40.24 -29.22
N PHE A 165 -11.13 38.96 -29.57
CA PHE A 165 -10.76 37.95 -28.58
C PHE A 165 -9.35 38.25 -28.06
N ILE A 166 -8.44 38.53 -28.98
CA ILE A 166 -7.08 38.91 -28.60
C ILE A 166 -7.03 40.18 -27.73
N HIS A 167 -7.75 41.21 -28.13
CA HIS A 167 -7.81 42.39 -27.28
C HIS A 167 -8.42 42.09 -25.92
N LEU A 168 -9.43 41.24 -25.85
CA LEU A 168 -9.99 40.95 -24.54
C LEU A 168 -8.97 40.25 -23.61
N LEU A 169 -8.19 39.34 -24.18
CA LEU A 169 -7.18 38.59 -23.43
C LEU A 169 -6.11 39.55 -22.91
N LYS A 170 -5.61 40.44 -23.75
CA LYS A 170 -4.61 41.43 -23.29
CA LYS A 170 -4.61 41.45 -23.32
C LYS A 170 -5.18 42.40 -22.26
N GLN A 171 -6.38 42.90 -22.49
CA GLN A 171 -7.05 43.73 -21.48
C GLN A 171 -6.91 43.11 -20.07
N HIS A 172 -6.97 41.77 -19.97
CA HIS A 172 -6.94 41.11 -18.67
C HIS A 172 -5.64 40.38 -18.34
N ASN A 173 -4.61 40.60 -19.14
CA ASN A 173 -3.29 40.02 -18.88
C ASN A 173 -3.25 38.51 -18.96
N ILE A 174 -4.04 37.96 -19.87
CA ILE A 174 -4.07 36.54 -20.05
C ILE A 174 -3.26 36.20 -21.26
N PRO A 175 -2.21 35.44 -21.09
CA PRO A 175 -1.44 35.09 -22.28
C PRO A 175 -2.18 34.11 -23.22
N ILE A 176 -1.83 34.20 -24.49
CA ILE A 176 -2.29 33.27 -25.52
C ILE A 176 -1.76 31.84 -25.26
N ARG A 177 -2.67 30.91 -24.99
CA ARG A 177 -2.36 29.49 -24.91
C ARG A 177 -3.38 28.69 -25.78
N HIS A 178 -2.92 28.17 -26.93
CA HIS A 178 -3.81 27.48 -27.91
C HIS A 178 -4.19 26.03 -27.56
N ALA B 3 -13.12 -10.62 -4.32
CA ALA B 3 -13.79 -9.41 -4.77
C ALA B 3 -12.82 -8.24 -4.60
N MSE B 4 -12.10 -8.25 -3.46
CA MSE B 4 -11.31 -7.10 -2.99
C MSE B 4 -9.81 -7.43 -2.89
O MSE B 4 -9.40 -8.32 -2.17
CB MSE B 4 -11.85 -6.67 -1.61
CG MSE B 4 -11.36 -5.30 -1.11
SE MSE B 4 -9.40 -5.07 -0.80
CE MSE B 4 -9.26 -5.83 1.01
N THR B 5 -9.01 -6.67 -3.64
CA THR B 5 -7.55 -6.74 -3.57
C THR B 5 -6.94 -5.31 -3.48
N GLN B 6 -5.68 -5.25 -3.03
CA GLN B 6 -4.91 -4.03 -2.96
C GLN B 6 -3.54 -4.34 -3.42
N GLU B 7 -2.86 -3.34 -3.97
CA GLU B 7 -1.55 -3.57 -4.51
C GLU B 7 -0.81 -2.26 -4.64
N ILE B 8 0.51 -2.37 -4.59
CA ILE B 8 1.36 -1.23 -4.81
C ILE B 8 1.74 -1.40 -6.24
N GLU B 9 1.42 -0.41 -7.08
CA GLU B 9 1.75 -0.41 -8.53
C GLU B 9 2.80 0.63 -8.87
N ILE B 10 3.87 0.19 -9.51
CA ILE B 10 4.92 1.06 -9.96
C ILE B 10 4.90 0.95 -11.46
N GLU B 11 4.58 2.08 -12.09
CA GLU B 11 4.31 2.12 -13.53
C GLU B 11 4.86 3.39 -14.16
N PHE B 12 5.80 3.22 -15.09
CA PHE B 12 6.26 4.35 -15.89
C PHE B 12 5.38 4.49 -17.13
N LYS B 13 5.16 5.73 -17.61
CA LYS B 13 4.35 5.99 -18.81
C LYS B 13 5.01 6.98 -19.78
N ASN B 14 5.00 6.67 -21.08
CA ASN B 14 5.44 7.66 -22.09
C ASN B 14 4.40 7.85 -23.17
N ILE B 15 4.06 9.09 -23.46
CA ILE B 15 3.24 9.41 -24.65
C ILE B 15 4.03 9.11 -25.93
N VAL B 16 3.38 8.59 -26.95
CA VAL B 16 4.01 8.31 -28.21
C VAL B 16 3.12 8.74 -29.37
N THR B 17 3.72 8.95 -30.53
CA THR B 17 2.93 9.31 -31.71
C THR B 17 2.31 8.05 -32.28
N GLU B 18 1.32 8.23 -33.14
CA GLU B 18 0.77 7.11 -33.85
C GLU B 18 1.85 6.36 -34.61
N GLU B 19 2.76 7.06 -35.27
CA GLU B 19 3.74 6.34 -36.08
C GLU B 19 4.62 5.45 -35.22
N GLU B 20 5.13 6.03 -34.13
CA GLU B 20 5.93 5.30 -33.15
C GLU B 20 5.18 4.09 -32.52
N PHE B 21 3.90 4.29 -32.25
CA PHE B 21 3.09 3.25 -31.69
C PHE B 21 2.99 2.05 -32.63
N HIS B 22 2.63 2.29 -33.88
CA HIS B 22 2.42 1.20 -34.78
C HIS B 22 3.74 0.46 -34.96
N ALA B 23 4.85 1.20 -35.05
CA ALA B 23 6.18 0.57 -35.22
C ALA B 23 6.55 -0.27 -34.00
N LEU B 24 6.26 0.25 -32.81
CA LEU B 24 6.66 -0.47 -31.59
C LEU B 24 5.80 -1.74 -31.43
N CYS B 25 4.52 -1.64 -31.77
CA CYS B 25 3.63 -2.77 -31.76
C CYS B 25 4.15 -3.85 -32.72
N LYS B 26 4.50 -3.49 -33.96
CA LYS B 26 5.02 -4.48 -34.88
C LYS B 26 6.31 -5.07 -34.33
N SER B 27 7.07 -4.23 -33.64
CA SER B 27 8.32 -4.66 -33.05
C SER B 27 8.15 -5.76 -32.02
N PHE B 28 7.09 -5.68 -31.25
CA PHE B 28 6.81 -6.68 -30.22
C PHE B 28 5.83 -7.78 -30.67
N SER B 29 5.51 -7.80 -31.96
CA SER B 29 4.46 -8.63 -32.53
C SER B 29 3.11 -8.49 -31.76
N ILE B 30 2.76 -7.24 -31.41
CA ILE B 30 1.50 -6.97 -30.74
C ILE B 30 0.40 -6.92 -31.79
N GLU B 31 -0.50 -7.90 -31.74
CA GLU B 31 -1.60 -8.09 -32.74
CA GLU B 31 -1.58 -7.96 -32.74
C GLU B 31 -2.98 -7.83 -32.10
N VAL B 32 -3.21 -8.43 -30.94
CA VAL B 32 -4.54 -8.43 -30.34
C VAL B 32 -4.65 -7.42 -29.21
N PHE B 33 -5.69 -6.59 -29.32
CA PHE B 33 -6.01 -5.58 -28.36
C PHE B 33 -7.31 -5.91 -27.62
N THR B 34 -7.35 -5.54 -26.34
CA THR B 34 -8.51 -5.77 -25.50
C THR B 34 -9.13 -4.47 -25.07
N LYS B 35 -10.44 -4.37 -25.31
CA LYS B 35 -11.15 -3.16 -25.00
C LYS B 35 -11.47 -3.01 -23.55
N GLN B 36 -11.34 -1.79 -23.00
CA GLN B 36 -11.93 -1.52 -21.70
C GLN B 36 -12.47 -0.11 -21.61
N VAL B 37 -13.43 0.09 -20.73
CA VAL B 37 -14.05 1.38 -20.59
C VAL B 37 -13.93 1.78 -19.15
N ASN B 38 -13.49 3.02 -18.91
CA ASN B 38 -13.36 3.58 -17.61
C ASN B 38 -14.33 4.73 -17.36
N HIS B 39 -15.09 4.57 -16.28
CA HIS B 39 -16.11 5.50 -15.82
C HIS B 39 -15.62 6.23 -14.60
N TYR B 40 -15.30 7.51 -14.74
CA TYR B 40 -14.53 8.16 -13.72
C TYR B 40 -15.36 9.15 -12.95
N PHE B 41 -14.94 9.38 -11.73
CA PHE B 41 -15.69 10.17 -10.75
C PHE B 41 -14.83 11.28 -10.19
N GLU B 42 -15.45 12.39 -9.75
CA GLU B 42 -14.65 13.49 -9.16
C GLU B 42 -15.58 14.45 -8.46
N THR B 43 -15.09 15.28 -7.57
CA THR B 43 -15.97 16.29 -6.94
C THR B 43 -15.89 17.59 -7.78
N PRO B 44 -16.86 18.50 -7.62
CA PRO B 44 -16.72 19.78 -8.32
C PRO B 44 -15.40 20.54 -8.01
N ASN B 45 -14.84 20.29 -6.85
CA ASN B 45 -13.59 20.92 -6.48
C ASN B 45 -12.37 20.14 -6.80
N SER B 46 -12.49 19.13 -7.64
CA SER B 46 -11.34 18.30 -7.98
C SER B 46 -10.58 17.69 -6.77
N SER B 47 -11.33 17.28 -5.77
CA SER B 47 -10.71 16.70 -4.57
C SER B 47 -9.78 15.50 -4.86
N LEU B 48 -10.18 14.60 -5.76
CA LEU B 48 -9.37 13.42 -5.97
C LEU B 48 -8.05 13.90 -6.52
N LYS B 49 -8.13 14.70 -7.57
CA LYS B 49 -6.92 15.20 -8.21
C LYS B 49 -6.02 15.92 -7.22
N GLU B 50 -6.60 16.75 -6.34
CA GLU B 50 -5.80 17.53 -5.42
C GLU B 50 -5.04 16.57 -4.47
N ALA B 51 -5.63 15.42 -4.16
CA ALA B 51 -4.98 14.45 -3.30
C ALA B 51 -4.21 13.40 -4.11
N GLY B 52 -3.81 13.71 -5.34
CA GLY B 52 -2.99 12.78 -6.09
C GLY B 52 -3.67 11.46 -6.48
N SER B 53 -5.02 11.45 -6.50
CA SER B 53 -5.81 10.20 -6.57
C SER B 53 -6.83 10.15 -7.71
N ALA B 54 -7.31 8.96 -8.02
CA ALA B 54 -8.27 8.73 -9.10
C ALA B 54 -9.25 7.66 -8.67
N LEU B 55 -10.52 7.76 -9.08
CA LEU B 55 -11.57 6.85 -8.68
C LEU B 55 -12.37 6.54 -9.90
N ARG B 56 -12.40 5.26 -10.26
CA ARG B 56 -12.91 4.79 -11.56
CA ARG B 56 -13.01 4.83 -11.53
C ARG B 56 -13.65 3.46 -11.43
N ILE B 57 -14.61 3.19 -12.30
CA ILE B 57 -15.16 1.87 -12.51
C ILE B 57 -14.69 1.44 -13.90
N ARG B 58 -13.86 0.41 -13.93
CA ARG B 58 -13.46 -0.23 -15.18
C ARG B 58 -14.41 -1.38 -15.58
N HIS B 59 -14.94 -1.29 -16.82
CA HIS B 59 -15.70 -2.34 -17.43
C HIS B 59 -14.77 -2.97 -18.48
N LYS B 60 -14.39 -4.20 -18.22
CA LYS B 60 -13.56 -4.96 -19.14
C LYS B 60 -14.16 -6.33 -19.19
N GLY B 61 -14.37 -6.88 -20.40
CA GLY B 61 -15.18 -8.08 -20.57
C GLY B 61 -16.53 -7.95 -19.86
N GLU B 62 -16.90 -8.99 -19.11
CA GLU B 62 -18.12 -8.93 -18.33
C GLU B 62 -17.89 -8.38 -16.94
N THR B 63 -16.68 -7.92 -16.67
CA THR B 63 -16.29 -7.56 -15.31
C THR B 63 -16.27 -6.03 -15.14
N TYR B 64 -16.79 -5.63 -14.00
CA TYR B 64 -16.76 -4.28 -13.49
C TYR B 64 -15.96 -4.23 -12.17
N THR B 65 -15.01 -3.31 -12.07
CA THR B 65 -14.13 -3.21 -10.87
C THR B 65 -14.06 -1.78 -10.42
N LEU B 66 -14.41 -1.50 -9.19
CA LEU B 66 -14.28 -0.15 -8.63
C LEU B 66 -12.85 -0.04 -8.14
N THR B 67 -12.13 0.98 -8.61
CA THR B 67 -10.75 1.16 -8.29
C THR B 67 -10.45 2.57 -7.77
N LEU B 68 -9.72 2.60 -6.66
CA LEU B 68 -9.14 3.82 -6.15
C LEU B 68 -7.62 3.72 -6.30
N LYS B 69 -6.99 4.70 -6.94
CA LYS B 69 -5.55 4.84 -6.90
C LYS B 69 -5.20 6.05 -6.03
N GLN B 70 -4.24 5.91 -5.13
CA GLN B 70 -3.77 7.03 -4.30
C GLN B 70 -2.28 6.98 -4.16
N PRO B 71 -1.67 8.08 -3.64
CA PRO B 71 -0.22 8.06 -3.46
C PRO B 71 0.26 7.04 -2.42
N ALA B 72 1.36 6.38 -2.75
CA ALA B 72 2.14 5.57 -1.84
C ALA B 72 3.56 6.20 -1.81
N GLU B 73 4.46 5.65 -1.00
CA GLU B 73 5.81 6.18 -0.91
C GLU B 73 6.46 5.96 -2.20
N VAL B 74 6.30 4.76 -2.76
CA VAL B 74 6.79 4.48 -4.10
C VAL B 74 5.56 4.17 -4.99
N GLY B 75 5.43 4.81 -6.14
CA GLY B 75 4.29 4.57 -7.04
C GLY B 75 2.93 4.87 -6.43
N LEU B 76 1.95 3.99 -6.65
CA LEU B 76 0.59 4.22 -6.16
C LEU B 76 0.07 3.02 -5.40
N LEU B 77 -0.77 3.29 -4.41
CA LEU B 77 -1.53 2.23 -3.76
C LEU B 77 -2.91 2.15 -4.41
N GLU B 78 -3.25 0.96 -4.92
CA GLU B 78 -4.50 0.68 -5.60
C GLU B 78 -5.37 -0.22 -4.79
N THR B 79 -6.63 0.13 -4.68
CA THR B 79 -7.62 -0.69 -4.02
C THR B 79 -8.69 -1.04 -5.08
N HIS B 80 -8.85 -2.33 -5.39
CA HIS B 80 -9.83 -2.81 -6.40
C HIS B 80 -10.95 -3.53 -5.68
N GLN B 81 -12.18 -3.31 -6.11
CA GLN B 81 -13.35 -3.99 -5.56
C GLN B 81 -14.25 -4.38 -6.76
N VAL B 82 -14.40 -5.67 -7.02
CA VAL B 82 -15.26 -6.16 -8.08
C VAL B 82 -16.69 -5.94 -7.60
N VAL B 83 -17.51 -5.40 -8.50
CA VAL B 83 -18.88 -5.13 -8.25
C VAL B 83 -19.69 -5.72 -9.37
N THR B 84 -21.00 -5.79 -9.15
CA THR B 84 -21.87 -6.34 -10.16
C THR B 84 -22.15 -5.20 -11.15
N GLU B 85 -22.64 -5.57 -12.34
CA GLU B 85 -23.08 -4.55 -13.31
C GLU B 85 -24.09 -3.59 -12.66
N ASN B 86 -25.09 -4.12 -12.00
CA ASN B 86 -26.14 -3.26 -11.41
C ASN B 86 -25.60 -2.31 -10.37
N GLU B 87 -24.64 -2.77 -9.55
CA GLU B 87 -23.94 -1.91 -8.59
C GLU B 87 -23.18 -0.80 -9.28
N ALA B 88 -22.47 -1.15 -10.36
CA ALA B 88 -21.82 -0.19 -11.21
C ALA B 88 -22.82 0.87 -11.71
N LYS B 89 -23.96 0.45 -12.22
CA LYS B 89 -24.93 1.38 -12.81
C LYS B 89 -25.60 2.31 -11.79
N MSE B 90 -25.89 1.80 -10.61
CA MSE B 90 -26.39 2.64 -9.50
C MSE B 90 -25.34 3.68 -9.03
O MSE B 90 -25.73 4.82 -8.68
CB MSE B 90 -26.83 1.77 -8.29
CG MSE B 90 -28.09 0.94 -8.53
SE MSE B 90 -29.69 1.98 -9.17
CE MSE B 90 -29.83 1.22 -11.01
N MSE B 91 -24.04 3.31 -9.01
CA MSE B 91 -23.06 4.32 -8.63
C MSE B 91 -23.12 5.43 -9.66
O MSE B 91 -23.30 6.60 -9.31
CB MSE B 91 -21.66 3.78 -8.43
CG MSE B 91 -21.53 2.96 -7.19
SE MSE B 91 -19.68 2.44 -6.98
CE MSE B 91 -19.75 0.69 -7.77
N MSE B 92 -23.04 5.05 -10.93
CA MSE B 92 -23.19 6.00 -12.02
C MSE B 92 -24.54 6.80 -12.06
O MSE B 92 -24.55 7.98 -12.34
CB MSE B 92 -22.91 5.33 -13.35
CG MSE B 92 -21.45 4.87 -13.54
SE MSE B 92 -21.20 3.93 -15.21
CE MSE B 92 -21.74 2.22 -14.85
N GLU B 93 -25.67 6.20 -11.77
CA GLU B 93 -26.92 6.97 -11.84
C GLU B 93 -27.21 7.77 -10.57
N THR B 94 -26.67 7.35 -9.42
CA THR B 94 -27.03 7.99 -8.13
C THR B 94 -25.88 8.80 -7.53
N ASN B 95 -24.65 8.54 -8.03
CA ASN B 95 -23.44 9.11 -7.49
C ASN B 95 -23.18 8.71 -6.02
N VAL B 96 -23.83 7.64 -5.54
CA VAL B 96 -23.48 7.09 -4.22
C VAL B 96 -22.54 5.90 -4.39
N ILE B 97 -21.37 5.98 -3.76
CA ILE B 97 -20.32 4.95 -3.87
C ILE B 97 -20.66 3.85 -2.90
N ILE B 98 -20.59 2.61 -3.40
CA ILE B 98 -20.94 1.41 -2.65
C ILE B 98 -20.01 1.31 -1.46
N SER B 99 -20.40 0.62 -0.42
CA SER B 99 -19.51 0.44 0.73
C SER B 99 -18.45 -0.64 0.49
N GLY B 100 -17.46 -0.67 1.37
CA GLY B 100 -16.40 -1.68 1.28
C GLY B 100 -15.04 -1.03 1.29
N ALA B 101 -14.03 -1.70 0.70
CA ALA B 101 -12.66 -1.26 0.89
C ALA B 101 -12.37 0.11 0.27
N VAL B 102 -12.98 0.35 -0.88
CA VAL B 102 -12.74 1.59 -1.60
C VAL B 102 -13.33 2.75 -0.79
N MSE B 103 -14.58 2.64 -0.36
CA MSE B 103 -15.17 3.64 0.54
C MSE B 103 -14.30 3.82 1.77
O MSE B 103 -14.06 4.98 2.22
CB MSE B 103 -16.56 3.18 0.97
CG MSE B 103 -17.28 4.10 2.00
SE MSE B 103 -17.51 5.80 1.18
CE MSE B 103 -19.26 5.50 0.47
N ASN B 104 -13.80 2.71 2.37
CA ASN B 104 -13.00 2.87 3.59
C ASN B 104 -11.79 3.77 3.32
N GLN B 105 -11.08 3.53 2.21
CA GLN B 105 -9.89 4.34 1.86
C GLN B 105 -10.18 5.79 1.54
N LEU B 106 -11.30 6.05 0.85
CA LEU B 106 -11.70 7.41 0.52
C LEU B 106 -11.98 8.18 1.81
N CYS B 107 -12.58 7.54 2.79
CA CYS B 107 -12.87 8.28 4.06
C CYS B 107 -11.54 8.59 4.81
N LYS B 108 -10.60 7.66 4.73
CA LYS B 108 -9.32 7.88 5.39
CA LYS B 108 -9.28 7.84 5.35
C LYS B 108 -8.51 8.95 4.64
N LEU B 109 -8.68 9.05 3.33
CA LEU B 109 -8.07 10.13 2.54
C LEU B 109 -8.77 11.47 2.77
N GLN B 110 -9.97 11.39 3.32
CA GLN B 110 -10.80 12.52 3.63
C GLN B 110 -11.36 13.23 2.39
N ILE B 111 -11.69 12.44 1.39
CA ILE B 111 -12.45 12.96 0.27
C ILE B 111 -13.88 13.27 0.80
N PRO B 112 -14.46 14.42 0.43
CA PRO B 112 -15.91 14.62 0.69
C PRO B 112 -16.68 13.70 -0.25
N VAL B 113 -16.96 12.50 0.23
CA VAL B 113 -17.49 11.44 -0.59
C VAL B 113 -18.86 11.78 -1.13
N SER B 114 -19.67 12.48 -0.35
CA SER B 114 -21.01 12.83 -0.78
C SER B 114 -21.04 13.87 -1.91
N ALA B 115 -19.92 14.52 -2.18
CA ALA B 115 -19.81 15.46 -3.27
C ALA B 115 -19.35 14.76 -4.57
N LEU B 116 -18.95 13.49 -4.51
CA LEU B 116 -18.45 12.82 -5.72
C LEU B 116 -19.52 12.68 -6.74
N THR B 117 -19.19 12.87 -8.02
CA THR B 117 -20.17 12.66 -9.07
C THR B 117 -19.55 11.88 -10.22
N TYR B 118 -20.40 11.17 -10.96
CA TYR B 118 -20.01 10.52 -12.18
C TYR B 118 -19.76 11.60 -13.27
N MSE B 119 -18.55 11.69 -13.79
CA MSE B 119 -18.17 12.77 -14.68
C MSE B 119 -18.01 12.38 -16.09
O MSE B 119 -18.08 13.25 -16.97
CB MSE B 119 -16.83 13.35 -14.28
CG MSE B 119 -16.85 14.28 -13.01
SE MSE B 119 -18.19 15.58 -13.06
CE MSE B 119 -17.65 16.84 -11.63
N GLY B 120 -17.69 11.10 -16.37
CA GLY B 120 -17.56 10.73 -17.72
C GLY B 120 -16.96 9.37 -17.93
N SER B 121 -16.59 9.11 -19.19
CA SER B 121 -16.03 7.82 -19.50
C SER B 121 -15.11 7.87 -20.68
N LEU B 122 -14.28 6.84 -20.82
CA LEU B 122 -13.25 6.81 -21.86
C LEU B 122 -13.00 5.36 -22.29
N THR B 123 -12.79 5.12 -23.57
CA THR B 123 -12.52 3.79 -24.09
C THR B 123 -11.05 3.70 -24.44
N THR B 124 -10.41 2.67 -23.86
CA THR B 124 -9.04 2.34 -24.09
C THR B 124 -8.92 0.94 -24.78
N GLU B 125 -8.06 0.86 -25.77
CA GLU B 125 -7.65 -0.41 -26.35
C GLU B 125 -6.28 -0.70 -25.83
N ARG B 126 -6.14 -1.86 -25.18
CA ARG B 126 -4.94 -2.17 -24.41
C ARG B 126 -4.42 -3.55 -24.78
N ALA B 127 -3.09 -3.63 -24.89
CA ALA B 127 -2.38 -4.89 -25.07
C ALA B 127 -1.20 -4.90 -24.10
N GLU B 128 -0.87 -6.07 -23.61
CA GLU B 128 0.36 -6.23 -22.83
C GLU B 128 1.27 -7.40 -23.24
N THR B 129 2.49 -7.37 -22.69
CA THR B 129 3.49 -8.42 -22.94
C THR B 129 4.53 -8.31 -21.84
N LEU B 130 5.04 -9.48 -21.43
CA LEU B 130 6.08 -9.59 -20.43
C LEU B 130 7.39 -9.16 -21.03
N PHE B 131 8.15 -8.35 -20.33
CA PHE B 131 9.37 -7.80 -20.90
C PHE B 131 10.30 -7.45 -19.77
N GLU B 132 11.52 -8.01 -19.83
CA GLU B 132 12.56 -7.80 -18.84
C GLU B 132 12.05 -7.87 -17.43
N GLY B 133 11.28 -8.92 -17.16
CA GLY B 133 10.67 -9.14 -15.86
C GLY B 133 9.77 -8.01 -15.37
N GLY B 134 9.17 -7.30 -16.31
CA GLY B 134 8.15 -6.29 -16.03
C GLY B 134 7.02 -6.52 -17.01
N THR B 135 6.03 -5.62 -17.04
CA THR B 135 4.95 -5.76 -18.00
C THR B 135 4.82 -4.53 -18.88
N LEU B 136 5.09 -4.69 -20.18
CA LEU B 136 4.97 -3.58 -21.16
C LEU B 136 3.51 -3.46 -21.61
N VAL B 137 2.99 -2.25 -21.56
CA VAL B 137 1.59 -1.97 -21.88
C VAL B 137 1.48 -0.96 -23.05
N PHE B 138 0.67 -1.35 -24.04
CA PHE B 138 0.34 -0.55 -25.25
C PHE B 138 -1.10 -0.08 -25.15
N ASP B 139 -1.26 1.24 -24.92
CA ASP B 139 -2.56 1.85 -24.73
CA ASP B 139 -2.55 1.89 -24.66
C ASP B 139 -2.91 2.84 -25.82
N HIS B 140 -4.10 2.68 -26.41
CA HIS B 140 -4.66 3.64 -27.37
C HIS B 140 -6.01 4.03 -26.78
N SER B 141 -6.11 5.26 -26.31
CA SER B 141 -7.33 5.79 -25.70
C SER B 141 -8.04 6.85 -26.57
N PHE B 142 -9.38 6.81 -26.60
CA PHE B 142 -10.14 7.71 -27.44
C PHE B 142 -10.76 8.75 -26.54
N TYR B 143 -10.15 9.92 -26.51
CA TYR B 143 -10.65 11.04 -25.71
C TYR B 143 -11.52 11.95 -26.56
N TYR B 144 -12.17 12.89 -25.90
CA TYR B 144 -13.15 13.75 -26.53
C TYR B 144 -12.75 14.27 -27.92
N ASN B 145 -11.69 15.04 -28.09
CA ASN B 145 -11.40 15.40 -29.51
C ASN B 145 -10.13 14.78 -30.08
N HIS B 146 -9.51 13.83 -29.38
CA HIS B 146 -8.24 13.33 -29.83
C HIS B 146 -8.01 11.92 -29.37
N ASP B 147 -7.09 11.24 -30.02
CA ASP B 147 -6.75 9.93 -29.56
C ASP B 147 -5.27 9.86 -29.22
N ASP B 148 -4.96 9.09 -28.19
CA ASP B 148 -3.73 9.20 -27.38
C ASP B 148 -3.05 7.83 -27.45
N TYR B 149 -1.76 7.82 -27.73
CA TYR B 149 -1.02 6.59 -27.72
C TYR B 149 0.04 6.65 -26.63
N GLU B 150 0.12 5.57 -25.85
CA GLU B 150 1.03 5.48 -24.72
C GLU B 150 1.68 4.14 -24.65
N ILE B 151 2.92 4.14 -24.15
CA ILE B 151 3.56 2.94 -23.72
C ILE B 151 3.79 3.04 -22.25
N GLU B 152 3.56 1.94 -21.55
CA GLU B 152 3.76 1.88 -20.10
C GLU B 152 4.54 0.64 -19.69
N PHE B 153 5.08 0.68 -18.48
CA PHE B 153 5.91 -0.40 -18.01
C PHE B 153 5.70 -0.51 -16.52
N GLU B 154 5.11 -1.64 -16.12
CA GLU B 154 4.84 -1.91 -14.71
C GLU B 154 5.94 -2.79 -14.21
N VAL B 155 6.51 -2.44 -13.06
CA VAL B 155 7.73 -3.08 -12.59
C VAL B 155 7.66 -3.50 -11.14
N GLN B 156 8.66 -4.26 -10.71
CA GLN B 156 8.84 -4.56 -9.28
C GLN B 156 9.87 -3.63 -8.60
N ASP B 157 10.98 -3.34 -9.29
CA ASP B 157 12.05 -2.46 -8.78
CA ASP B 157 11.99 -2.43 -8.75
C ASP B 157 11.98 -1.11 -9.50
N GLU B 158 11.64 -0.04 -8.77
CA GLU B 158 11.61 1.31 -9.34
C GLU B 158 12.94 1.76 -10.01
N GLU B 159 14.09 1.37 -9.45
CA GLU B 159 15.39 1.83 -9.99
C GLU B 159 15.76 1.08 -11.26
N THR B 160 15.70 -0.24 -11.23
CA THR B 160 16.08 -1.05 -12.39
C THR B 160 14.98 -1.01 -13.47
N GLY B 161 13.71 -0.97 -13.08
CA GLY B 161 12.60 -0.80 -14.02
C GLY B 161 12.74 0.49 -14.83
N LYS B 162 13.00 1.59 -14.13
CA LYS B 162 13.23 2.83 -14.81
C LYS B 162 14.35 2.68 -15.86
N ALA B 163 15.49 2.17 -15.47
CA ALA B 163 16.62 2.05 -16.40
C ALA B 163 16.20 1.22 -17.63
N ALA B 164 15.52 0.11 -17.41
CA ALA B 164 15.07 -0.74 -18.51
C ALA B 164 14.11 0.03 -19.45
N PHE B 165 13.19 0.82 -18.87
CA PHE B 165 12.23 1.61 -19.65
C PHE B 165 12.90 2.68 -20.48
N ILE B 166 13.73 3.50 -19.84
CA ILE B 166 14.51 4.54 -20.56
C ILE B 166 15.43 3.91 -21.63
N HIS B 167 16.02 2.75 -21.34
CA HIS B 167 16.81 2.03 -22.34
C HIS B 167 15.96 1.61 -23.55
N LEU B 168 14.74 1.17 -23.30
CA LEU B 168 13.86 0.73 -24.39
C LEU B 168 13.51 1.91 -25.27
N LEU B 169 12.99 2.97 -24.66
CA LEU B 169 12.73 4.21 -25.37
C LEU B 169 13.94 4.65 -26.22
N LYS B 170 15.14 4.58 -25.67
CA LYS B 170 16.33 5.01 -26.38
C LYS B 170 16.60 4.13 -27.58
N GLN B 171 16.56 2.81 -27.36
CA GLN B 171 16.68 1.84 -28.45
C GLN B 171 15.74 2.16 -29.59
N HIS B 172 14.55 2.65 -29.27
CA HIS B 172 13.57 2.82 -30.29
C HIS B 172 13.47 4.27 -30.78
N ASN B 173 14.40 5.11 -30.32
CA ASN B 173 14.42 6.50 -30.70
C ASN B 173 13.11 7.20 -30.39
N ILE B 174 12.54 6.88 -29.24
CA ILE B 174 11.36 7.50 -28.77
C ILE B 174 11.67 8.52 -27.69
N PRO B 175 11.30 9.80 -27.90
CA PRO B 175 11.60 10.82 -26.91
C PRO B 175 10.82 10.68 -25.62
N ILE B 176 11.46 10.96 -24.49
CA ILE B 176 10.80 11.03 -23.18
C ILE B 176 9.76 12.15 -23.12
N ARG B 177 8.47 11.81 -23.04
CA ARG B 177 7.37 12.78 -22.84
C ARG B 177 6.53 12.36 -21.62
N ALA C 3 16.09 -0.91 -2.98
CA ALA C 3 16.54 0.25 -2.15
C ALA C 3 15.40 0.55 -1.16
N MSE C 4 14.29 1.05 -1.69
CA MSE C 4 13.08 1.25 -0.92
C MSE C 4 11.86 0.77 -1.69
O MSE C 4 11.53 1.36 -2.72
CB MSE C 4 12.89 2.72 -0.57
CG MSE C 4 11.68 2.94 0.33
SE MSE C 4 9.92 2.84 -0.59
CE MSE C 4 10.19 4.53 -1.58
N THR C 5 11.16 -0.23 -1.15
CA THR C 5 9.99 -0.76 -1.77
C THR C 5 8.83 -0.83 -0.77
N GLN C 6 7.63 -1.01 -1.33
CA GLN C 6 6.42 -1.28 -0.58
C GLN C 6 5.67 -2.45 -1.22
N GLU C 7 4.90 -3.18 -0.40
CA GLU C 7 4.05 -4.27 -0.89
C GLU C 7 2.91 -4.59 0.10
N ILE C 8 1.86 -5.15 -0.45
CA ILE C 8 0.76 -5.62 0.33
C ILE C 8 1.08 -7.09 0.48
N GLU C 9 1.13 -7.56 1.72
CA GLU C 9 1.39 -8.97 2.06
C GLU C 9 0.19 -9.58 2.78
N ILE C 10 -0.21 -10.75 2.31
CA ILE C 10 -1.16 -11.57 3.06
C ILE C 10 -0.43 -12.88 3.40
N GLU C 11 -0.47 -13.26 4.65
CA GLU C 11 0.36 -14.37 5.15
C GLU C 11 -0.44 -15.21 6.15
N PHE C 12 -0.51 -16.52 5.87
CA PHE C 12 -1.05 -17.48 6.79
C PHE C 12 0.08 -18.12 7.54
N LYS C 13 -0.14 -18.45 8.81
CA LYS C 13 0.87 -19.04 9.70
C LYS C 13 0.27 -20.18 10.49
N ASN C 14 0.98 -21.31 10.54
CA ASN C 14 0.57 -22.41 11.42
C ASN C 14 1.74 -22.82 12.26
N ILE C 15 1.53 -22.92 13.57
CA ILE C 15 2.59 -23.46 14.45
C ILE C 15 2.74 -24.99 14.27
N VAL C 16 3.95 -25.49 14.22
CA VAL C 16 4.11 -26.93 14.08
C VAL C 16 5.12 -27.47 15.11
N THR C 17 5.04 -28.77 15.34
CA THR C 17 6.00 -29.43 16.17
C THR C 17 7.26 -29.61 15.32
N GLU C 18 8.36 -29.93 15.98
CA GLU C 18 9.63 -30.25 15.38
C GLU C 18 9.50 -31.39 14.37
N GLU C 19 8.81 -32.42 14.80
CA GLU C 19 8.51 -33.67 14.06
CA GLU C 19 8.64 -33.63 14.02
C GLU C 19 7.81 -33.35 12.72
N GLU C 20 6.71 -32.61 12.85
CA GLU C 20 5.94 -32.12 11.71
C GLU C 20 6.80 -31.23 10.82
N PHE C 21 7.62 -30.38 11.46
CA PHE C 21 8.44 -29.43 10.70
C PHE C 21 9.45 -30.22 9.85
N HIS C 22 10.08 -31.23 10.44
CA HIS C 22 11.05 -32.06 9.66
C HIS C 22 10.40 -32.87 8.57
N ALA C 23 9.19 -33.39 8.83
CA ALA C 23 8.43 -34.17 7.84
C ALA C 23 8.05 -33.27 6.67
N LEU C 24 7.56 -32.09 6.96
CA LEU C 24 7.27 -31.10 5.95
C LEU C 24 8.50 -30.69 5.17
N CYS C 25 9.65 -30.61 5.82
CA CYS C 25 10.89 -30.28 5.09
C CYS C 25 11.23 -31.39 4.13
N LYS C 26 11.12 -32.63 4.61
CA LYS C 26 11.32 -33.78 3.74
C LYS C 26 10.49 -33.69 2.44
N SER C 27 9.17 -33.54 2.57
CA SER C 27 8.24 -33.52 1.42
C SER C 27 8.58 -32.54 0.34
N PHE C 28 9.00 -31.37 0.77
CA PHE C 28 9.41 -30.30 -0.13
C PHE C 28 10.89 -30.28 -0.43
N SER C 29 11.64 -31.26 0.07
CA SER C 29 13.07 -31.29 -0.13
C SER C 29 13.69 -29.94 0.18
N ILE C 30 13.48 -29.49 1.41
CA ILE C 30 14.03 -28.22 1.84
C ILE C 30 15.40 -28.51 2.38
N GLU C 31 16.40 -27.94 1.71
CA GLU C 31 17.83 -28.18 2.00
CA GLU C 31 17.79 -28.21 2.06
C GLU C 31 18.43 -27.10 2.90
N VAL C 32 18.39 -25.87 2.41
CA VAL C 32 19.17 -24.87 3.07
C VAL C 32 18.36 -23.80 3.79
N PHE C 33 18.72 -23.61 5.05
CA PHE C 33 18.21 -22.52 5.81
C PHE C 33 19.18 -21.37 5.89
N THR C 34 18.63 -20.16 5.86
CA THR C 34 19.39 -18.94 5.99
C THR C 34 19.07 -18.24 7.28
N LYS C 35 20.11 -17.94 8.03
CA LYS C 35 19.97 -17.22 9.28
C LYS C 35 19.53 -15.78 9.04
N GLN C 36 18.66 -15.29 9.90
CA GLN C 36 18.40 -13.89 9.95
C GLN C 36 18.10 -13.42 11.40
N VAL C 37 18.50 -12.20 11.68
CA VAL C 37 18.26 -11.60 12.95
C VAL C 37 17.38 -10.40 12.78
N ASN C 38 16.31 -10.39 13.55
CA ASN C 38 15.46 -9.26 13.57
C ASN C 38 15.64 -8.43 14.82
N HIS C 39 15.95 -7.15 14.59
CA HIS C 39 16.20 -6.17 15.64
C HIS C 39 14.97 -5.32 15.76
N TYR C 40 14.20 -5.42 16.86
CA TYR C 40 12.89 -4.78 16.93
C TYR C 40 12.81 -3.56 17.85
N PHE C 41 11.84 -2.70 17.58
CA PHE C 41 11.73 -1.37 18.21
C PHE C 41 10.27 -1.20 18.69
N GLU C 42 10.03 -0.47 19.75
CA GLU C 42 8.66 -0.23 20.21
C GLU C 42 8.70 1.00 21.14
N THR C 43 7.54 1.56 21.51
CA THR C 43 7.49 2.65 22.50
C THR C 43 7.16 2.08 23.86
N PRO C 44 7.38 2.87 24.93
CA PRO C 44 7.04 2.39 26.25
C PRO C 44 5.55 2.06 26.38
N ASN C 45 4.70 2.86 25.73
CA ASN C 45 3.26 2.59 25.76
C ASN C 45 2.75 1.56 24.73
N SER C 46 3.66 0.82 24.08
CA SER C 46 3.30 -0.14 23.02
C SER C 46 2.51 0.45 21.86
N SER C 47 2.90 1.64 21.43
CA SER C 47 2.17 2.32 20.41
C SER C 47 2.05 1.50 19.10
N LEU C 48 3.12 0.81 18.72
CA LEU C 48 3.10 0.13 17.42
C LEU C 48 2.15 -1.04 17.42
N LYS C 49 2.24 -1.83 18.47
CA LYS C 49 1.39 -2.97 18.62
C LYS C 49 -0.03 -2.44 18.73
N GLU C 50 -0.23 -1.35 19.46
CA GLU C 50 -1.59 -0.84 19.57
C GLU C 50 -2.12 -0.48 18.16
N ALA C 51 -1.22 -0.05 17.26
CA ALA C 51 -1.55 0.23 15.86
C ALA C 51 -1.56 -0.98 14.93
N GLY C 52 -1.59 -2.20 15.43
CA GLY C 52 -1.49 -3.38 14.56
C GLY C 52 -0.23 -3.41 13.70
N SER C 53 0.80 -2.67 14.15
CA SER C 53 2.03 -2.48 13.38
C SER C 53 3.32 -3.00 14.04
N ALA C 54 4.42 -3.02 13.31
CA ALA C 54 5.68 -3.53 13.83
C ALA C 54 6.85 -2.99 12.98
N LEU C 55 7.96 -2.75 13.68
CA LEU C 55 9.09 -2.03 13.14
C LEU C 55 10.32 -2.78 13.48
N ARG C 56 11.08 -3.12 12.49
CA ARG C 56 12.29 -3.88 12.70
C ARG C 56 13.40 -3.60 11.68
N ILE C 57 14.65 -3.91 12.07
CA ILE C 57 15.75 -4.04 11.10
C ILE C 57 16.08 -5.54 10.98
N ARG C 58 16.02 -6.07 9.77
CA ARG C 58 16.35 -7.45 9.48
C ARG C 58 17.80 -7.51 8.95
N HIS C 59 18.63 -8.26 9.65
CA HIS C 59 19.98 -8.45 9.19
C HIS C 59 20.02 -9.84 8.63
N LYS C 60 20.23 -9.90 7.32
CA LYS C 60 20.27 -11.18 6.60
C LYS C 60 21.43 -11.13 5.63
N GLY C 61 22.29 -12.12 5.68
CA GLY C 61 23.52 -12.08 4.90
C GLY C 61 24.28 -10.81 5.24
N GLU C 62 24.62 -10.06 4.20
CA GLU C 62 25.31 -8.77 4.31
C GLU C 62 24.32 -7.60 4.36
N THR C 63 23.03 -7.89 4.33
CA THR C 63 22.05 -6.87 4.05
C THR C 63 21.40 -6.49 5.34
N TYR C 64 21.15 -5.19 5.50
CA TYR C 64 20.32 -4.66 6.58
C TYR C 64 19.11 -3.92 5.99
N THR C 65 17.93 -4.27 6.48
CA THR C 65 16.69 -3.74 5.93
C THR C 65 15.76 -3.23 7.02
N LEU C 66 15.44 -1.95 6.97
CA LEU C 66 14.48 -1.34 7.89
C LEU C 66 13.09 -1.61 7.32
N THR C 67 12.23 -2.27 8.10
CA THR C 67 10.89 -2.64 7.63
C THR C 67 9.82 -2.21 8.60
N LEU C 68 8.77 -1.60 8.07
CA LEU C 68 7.54 -1.35 8.82
C LEU C 68 6.40 -2.19 8.28
N LYS C 69 5.65 -2.83 9.17
CA LYS C 69 4.47 -3.55 8.82
C LYS C 69 3.27 -2.82 9.46
N GLN C 70 2.26 -2.53 8.68
CA GLN C 70 1.06 -1.87 9.21
C GLN C 70 -0.18 -2.44 8.56
N PRO C 71 -1.34 -2.21 9.18
CA PRO C 71 -2.54 -2.82 8.61
C PRO C 71 -2.95 -2.17 7.27
N ALA C 72 -3.43 -3.02 6.37
CA ALA C 72 -4.01 -2.63 5.09
C ALA C 72 -5.45 -3.18 5.12
N GLU C 73 -6.24 -3.04 4.05
CA GLU C 73 -7.65 -3.52 4.07
C GLU C 73 -7.75 -5.02 4.24
N VAL C 74 -6.81 -5.73 3.63
CA VAL C 74 -6.55 -7.10 4.04
C VAL C 74 -5.05 -7.31 4.16
N GLY C 75 -4.65 -8.00 5.22
CA GLY C 75 -3.26 -8.31 5.39
C GLY C 75 -2.59 -7.03 5.77
N LEU C 76 -1.37 -6.87 5.29
CA LEU C 76 -0.53 -5.79 5.79
C LEU C 76 0.13 -5.02 4.65
N LEU C 77 0.42 -3.75 4.93
CA LEU C 77 1.22 -2.92 4.02
C LEU C 77 2.60 -2.91 4.58
N GLU C 78 3.58 -3.41 3.82
CA GLU C 78 4.96 -3.44 4.23
C GLU C 78 5.76 -2.37 3.52
N THR C 79 6.49 -1.57 4.29
CA THR C 79 7.47 -0.61 3.75
C THR C 79 8.91 -1.06 4.17
N HIS C 80 9.74 -1.31 3.16
CA HIS C 80 11.13 -1.77 3.27
C HIS C 80 12.16 -0.76 2.75
N GLN C 81 13.15 -0.43 3.57
CA GLN C 81 14.23 0.50 3.26
C GLN C 81 15.60 -0.14 3.57
N VAL C 82 16.39 -0.40 2.53
CA VAL C 82 17.70 -0.97 2.70
C VAL C 82 18.61 0.10 3.28
N VAL C 83 19.35 -0.21 4.35
CA VAL C 83 20.26 0.76 5.00
C VAL C 83 21.65 0.11 5.16
N THR C 84 22.64 0.92 5.51
CA THR C 84 24.01 0.47 5.72
C THR C 84 24.17 -0.15 7.12
N GLU C 85 25.20 -0.97 7.26
CA GLU C 85 25.57 -1.50 8.56
C GLU C 85 25.58 -0.41 9.60
N ASN C 86 26.25 0.71 9.32
CA ASN C 86 26.39 1.73 10.34
C ASN C 86 25.13 2.50 10.60
N GLU C 87 24.31 2.69 9.56
CA GLU C 87 23.00 3.33 9.75
C GLU C 87 22.16 2.48 10.68
N ALA C 88 22.26 1.18 10.46
CA ALA C 88 21.52 0.22 11.27
C ALA C 88 21.96 0.28 12.74
N LYS C 89 23.28 0.23 12.97
CA LYS C 89 23.82 0.27 14.34
C LYS C 89 23.47 1.55 15.08
N MSE C 90 23.45 2.64 14.33
CA MSE C 90 23.19 3.94 14.88
C MSE C 90 21.76 4.06 15.38
O MSE C 90 21.52 4.58 16.48
CB MSE C 90 23.43 4.97 13.78
CG MSE C 90 22.92 6.36 14.12
SE MSE C 90 24.12 7.71 13.34
CE MSE C 90 23.00 9.33 13.54
N MSE C 91 20.80 3.59 14.58
CA MSE C 91 19.41 3.51 15.04
C MSE C 91 19.35 2.70 16.33
O MSE C 91 18.71 3.07 17.26
CB MSE C 91 18.52 2.84 14.01
CG MSE C 91 18.18 3.75 12.90
SE MSE C 91 16.88 3.05 11.65
CE MSE C 91 18.12 2.27 10.37
N MSE C 92 19.99 1.55 16.31
CA MSE C 92 19.95 0.67 17.46
C MSE C 92 20.60 1.33 18.72
O MSE C 92 20.13 1.12 19.82
CB MSE C 92 20.65 -0.66 17.14
CG MSE C 92 19.80 -1.58 16.26
SE MSE C 92 20.68 -3.24 15.87
CE MSE C 92 22.07 -2.80 14.72
N GLU C 93 21.63 2.14 18.53
CA GLU C 93 22.37 2.71 19.66
C GLU C 93 21.78 4.02 20.14
N THR C 94 21.08 4.74 19.26
CA THR C 94 20.63 6.08 19.55
C THR C 94 19.09 6.22 19.59
N ASN C 95 18.38 5.16 19.18
CA ASN C 95 16.93 5.14 19.05
C ASN C 95 16.36 6.22 18.13
N VAL C 96 17.13 6.71 17.19
CA VAL C 96 16.62 7.68 16.20
C VAL C 96 16.43 6.95 14.86
N ILE C 97 15.18 6.91 14.35
CA ILE C 97 14.91 6.25 13.05
C ILE C 97 15.43 7.12 11.91
N ILE C 98 16.09 6.49 10.94
CA ILE C 98 16.68 7.23 9.81
C ILE C 98 15.51 7.81 9.02
N SER C 99 15.73 8.92 8.29
CA SER C 99 14.69 9.51 7.43
C SER C 99 14.44 8.65 6.18
N GLY C 100 13.27 8.83 5.56
CA GLY C 100 12.89 8.09 4.37
C GLY C 100 11.46 7.57 4.47
N ALA C 101 11.17 6.62 3.58
CA ALA C 101 9.83 6.03 3.43
C ALA C 101 9.28 5.53 4.76
N VAL C 102 10.11 4.77 5.49
CA VAL C 102 9.64 4.14 6.74
C VAL C 102 9.23 5.23 7.74
N MSE C 103 10.15 6.16 7.97
CA MSE C 103 9.87 7.33 8.78
C MSE C 103 8.59 8.03 8.31
O MSE C 103 7.75 8.32 9.17
CB MSE C 103 11.06 8.31 8.79
CG MSE C 103 10.83 9.60 9.58
SE MSE C 103 10.34 9.38 11.46
CE MSE C 103 12.13 9.35 12.25
N ASN C 104 8.42 8.25 7.01
CA ASN C 104 7.21 8.89 6.45
C ASN C 104 5.96 8.16 6.87
N GLN C 105 6.00 6.82 6.77
CA GLN C 105 4.87 6.02 7.19
C GLN C 105 4.59 6.13 8.69
N LEU C 106 5.62 6.05 9.53
CA LEU C 106 5.43 6.14 10.97
C LEU C 106 4.66 7.43 11.36
N CYS C 107 5.09 8.58 10.82
CA CYS C 107 4.44 9.87 11.11
C CYS C 107 2.97 9.87 10.72
N LYS C 108 2.67 9.31 9.54
CA LYS C 108 1.30 9.27 9.07
C LYS C 108 0.44 8.33 9.91
N LEU C 109 1.07 7.34 10.54
CA LEU C 109 0.38 6.42 11.40
C LEU C 109 0.08 7.13 12.73
N GLN C 110 0.68 8.31 12.93
CA GLN C 110 0.71 9.02 14.23
C GLN C 110 1.43 8.24 15.37
N ILE C 111 2.50 7.54 15.04
CA ILE C 111 3.37 7.00 16.06
C ILE C 111 4.22 8.13 16.64
N PRO C 112 4.20 8.31 17.99
CA PRO C 112 5.13 9.22 18.65
C PRO C 112 6.58 8.73 18.48
N VAL C 113 7.16 9.08 17.33
CA VAL C 113 8.42 8.51 16.86
C VAL C 113 9.56 8.67 17.86
N SER C 114 9.75 9.86 18.37
CA SER C 114 10.85 10.12 19.28
C SER C 114 10.83 9.28 20.56
N ALA C 115 9.71 8.62 20.88
CA ALA C 115 9.69 7.66 21.99
C ALA C 115 10.04 6.22 21.58
N LEU C 116 10.14 5.93 20.30
CA LEU C 116 10.54 4.59 19.91
C LEU C 116 11.88 4.27 20.53
N THR C 117 12.03 3.04 21.04
CA THR C 117 13.34 2.61 21.48
C THR C 117 13.71 1.21 20.92
N TYR C 118 15.01 0.93 20.77
CA TYR C 118 15.48 -0.42 20.35
C TYR C 118 15.26 -1.36 21.55
N MSE C 119 14.44 -2.41 21.41
CA MSE C 119 13.96 -3.16 22.56
C MSE C 119 14.53 -4.53 22.63
O MSE C 119 14.53 -5.16 23.69
CB MSE C 119 12.46 -3.31 22.50
CG MSE C 119 11.68 -2.02 22.80
SE MSE C 119 12.08 -1.46 24.53
CE MSE C 119 10.53 -0.38 24.94
N GLY C 120 14.95 -5.08 21.49
CA GLY C 120 15.53 -6.41 21.49
C GLY C 120 15.74 -7.02 20.14
N SER C 121 16.22 -8.27 20.12
CA SER C 121 16.43 -9.01 18.87
C SER C 121 16.17 -10.48 19.01
N LEU C 122 15.93 -11.16 17.89
CA LEU C 122 15.86 -12.61 17.89
C LEU C 122 16.35 -13.22 16.60
N THR C 123 16.66 -14.50 16.63
CA THR C 123 17.27 -15.18 15.41
C THR C 123 16.33 -16.20 14.82
N THR C 124 16.20 -16.20 13.49
CA THR C 124 15.31 -17.11 12.79
C THR C 124 16.15 -17.85 11.73
N GLU C 125 15.94 -19.15 11.61
CA GLU C 125 16.47 -19.93 10.49
C GLU C 125 15.30 -20.15 9.54
N ARG C 126 15.42 -19.58 8.33
CA ARG C 126 14.34 -19.54 7.38
C ARG C 126 14.69 -20.23 6.09
N ALA C 127 13.71 -20.93 5.54
CA ALA C 127 13.81 -21.48 4.17
C ALA C 127 12.46 -21.27 3.50
N GLU C 128 12.49 -21.06 2.19
CA GLU C 128 11.29 -20.76 1.43
C GLU C 128 11.27 -21.60 0.19
N THR C 129 10.07 -21.86 -0.32
CA THR C 129 9.92 -22.44 -1.65
C THR C 129 8.64 -21.95 -2.29
N LEU C 130 8.64 -21.84 -3.62
CA LEU C 130 7.44 -21.49 -4.36
C LEU C 130 6.45 -22.63 -4.28
N PHE C 131 5.19 -22.28 -4.11
CA PHE C 131 4.16 -23.29 -3.92
C PHE C 131 2.76 -22.74 -4.28
N GLU C 132 2.06 -23.38 -5.21
CA GLU C 132 0.69 -22.92 -5.67
C GLU C 132 0.61 -21.42 -5.85
N GLY C 133 1.56 -20.83 -6.58
CA GLY C 133 1.54 -19.41 -6.88
C GLY C 133 1.86 -18.50 -5.71
N GLY C 134 2.24 -19.09 -4.59
CA GLY C 134 2.63 -18.32 -3.40
C GLY C 134 4.04 -18.72 -2.97
N THR C 135 4.43 -18.24 -1.80
CA THR C 135 5.68 -18.61 -1.17
C THR C 135 5.40 -19.24 0.17
N LEU C 136 5.81 -20.49 0.28
CA LEU C 136 5.78 -21.24 1.48
C LEU C 136 7.11 -21.05 2.25
N VAL C 137 6.98 -20.71 3.52
CA VAL C 137 8.12 -20.34 4.38
C VAL C 137 8.19 -21.31 5.56
N PHE C 138 9.37 -21.85 5.79
CA PHE C 138 9.67 -22.73 6.91
C PHE C 138 10.57 -21.98 7.92
N ASP C 139 10.05 -21.64 9.10
CA ASP C 139 10.74 -20.78 10.07
C ASP C 139 10.98 -21.50 11.40
N HIS C 140 12.24 -21.52 11.85
CA HIS C 140 12.63 -21.97 13.17
C HIS C 140 13.19 -20.75 13.92
N SER C 141 12.45 -20.23 14.85
CA SER C 141 12.90 -19.06 15.61
C SER C 141 13.27 -19.40 17.09
N PHE C 142 14.27 -18.68 17.60
CA PHE C 142 14.87 -18.86 18.93
C PHE C 142 14.52 -17.70 19.80
N TYR C 143 13.42 -17.82 20.51
CA TYR C 143 12.98 -16.76 21.44
C TYR C 143 13.67 -16.94 22.82
N TYR C 144 13.43 -15.95 23.68
CA TYR C 144 14.01 -15.84 24.99
C TYR C 144 13.89 -17.10 25.80
N ASN C 145 12.68 -17.63 25.91
CA ASN C 145 12.43 -18.85 26.75
C ASN C 145 12.10 -20.12 25.97
N HIS C 146 12.03 -20.04 24.66
CA HIS C 146 11.60 -21.19 23.87
C HIS C 146 11.99 -21.00 22.42
N ASP C 147 11.85 -22.08 21.67
CA ASP C 147 12.10 -22.01 20.26
C ASP C 147 10.93 -22.66 19.56
N ASP C 148 10.49 -22.04 18.47
CA ASP C 148 9.21 -22.39 17.86
C ASP C 148 9.41 -22.63 16.43
N TYR C 149 8.71 -23.65 15.90
CA TYR C 149 8.67 -23.97 14.47
C TYR C 149 7.35 -23.53 13.86
N GLU C 150 7.39 -23.00 12.63
CA GLU C 150 6.25 -22.37 11.97
C GLU C 150 6.28 -22.63 10.46
N ILE C 151 5.08 -22.74 9.88
CA ILE C 151 4.93 -22.79 8.45
C ILE C 151 4.08 -21.62 8.09
N GLU C 152 4.55 -20.83 7.13
CA GLU C 152 3.84 -19.66 6.66
C GLU C 152 3.62 -19.76 5.17
N PHE C 153 2.58 -19.08 4.70
CA PHE C 153 2.26 -19.09 3.26
C PHE C 153 1.91 -17.68 2.87
N GLU C 154 2.68 -17.14 1.94
CA GLU C 154 2.57 -15.74 1.48
C GLU C 154 1.84 -15.73 0.16
N VAL C 155 0.71 -15.06 0.11
CA VAL C 155 -0.12 -15.15 -1.08
C VAL C 155 -0.62 -13.81 -1.58
N GLN C 156 -1.18 -13.89 -2.77
CA GLN C 156 -1.74 -12.76 -3.49
CA GLN C 156 -1.76 -12.74 -3.48
C GLN C 156 -3.28 -12.88 -3.52
N ASP C 157 -3.78 -14.09 -3.84
CA ASP C 157 -5.22 -14.39 -3.73
C ASP C 157 -5.51 -15.01 -2.35
N GLU C 158 -6.21 -14.23 -1.53
CA GLU C 158 -6.53 -14.62 -0.17
C GLU C 158 -7.32 -15.94 -0.13
N GLU C 159 -8.42 -16.01 -0.90
CA GLU C 159 -9.38 -17.11 -0.82
C GLU C 159 -8.80 -18.42 -1.37
N THR C 160 -8.15 -18.38 -2.53
CA THR C 160 -7.50 -19.57 -3.09
C THR C 160 -6.16 -19.93 -2.46
N GLY C 161 -5.51 -18.96 -1.83
CA GLY C 161 -4.34 -19.24 -1.02
C GLY C 161 -4.72 -19.86 0.31
N LYS C 162 -5.73 -19.33 0.99
CA LYS C 162 -6.21 -19.98 2.19
C LYS C 162 -6.64 -21.44 1.89
N ALA C 163 -7.12 -21.70 0.69
CA ALA C 163 -7.61 -23.02 0.34
C ALA C 163 -6.45 -24.00 0.33
N ALA C 164 -5.42 -23.63 -0.42
CA ALA C 164 -4.27 -24.48 -0.63
C ALA C 164 -3.55 -24.76 0.69
N PHE C 165 -3.44 -23.72 1.52
CA PHE C 165 -2.78 -23.85 2.82
C PHE C 165 -3.47 -24.94 3.63
N ILE C 166 -4.79 -24.85 3.76
CA ILE C 166 -5.58 -25.84 4.50
C ILE C 166 -5.53 -27.22 3.87
N HIS C 167 -5.64 -27.34 2.55
CA HIS C 167 -5.39 -28.63 1.85
C HIS C 167 -4.01 -29.23 2.27
N LEU C 168 -2.96 -28.41 2.17
CA LEU C 168 -1.61 -28.81 2.57
C LEU C 168 -1.57 -29.33 4.01
N LEU C 169 -2.17 -28.59 4.92
CA LEU C 169 -2.14 -29.01 6.33
C LEU C 169 -2.86 -30.34 6.56
N LYS C 170 -4.01 -30.51 5.95
CA LYS C 170 -4.77 -31.73 6.09
C LYS C 170 -4.06 -32.89 5.42
N GLN C 171 -3.47 -32.65 4.26
CA GLN C 171 -2.76 -33.70 3.51
C GLN C 171 -1.62 -34.27 4.37
N HIS C 172 -1.02 -33.46 5.24
CA HIS C 172 0.10 -33.92 6.04
C HIS C 172 -0.27 -34.22 7.47
N ASN C 173 -1.58 -34.26 7.76
CA ASN C 173 -2.11 -34.48 9.11
C ASN C 173 -1.54 -33.50 10.13
N ILE C 174 -1.45 -32.24 9.73
CA ILE C 174 -1.00 -31.19 10.66
C ILE C 174 -2.23 -30.44 11.10
N PRO C 175 -2.50 -30.41 12.41
CA PRO C 175 -3.65 -29.62 12.86
C PRO C 175 -3.45 -28.14 12.66
N ILE C 176 -4.54 -27.40 12.79
CA ILE C 176 -4.55 -25.95 12.69
C ILE C 176 -4.26 -25.34 14.07
N ARG C 177 -3.19 -24.55 14.14
CA ARG C 177 -2.86 -23.78 15.34
C ARG C 177 -2.39 -22.36 14.94
N HIS C 178 -3.28 -21.38 15.13
CA HIS C 178 -2.98 -19.96 14.86
C HIS C 178 -2.18 -19.35 16.02
N THR C 179 -1.86 -18.05 15.92
CA THR C 179 -1.21 -17.33 17.03
C THR C 179 -2.13 -16.22 17.60
N ASN D 2 33.54 -10.86 45.12
CA ASN D 2 32.21 -10.30 44.79
C ASN D 2 31.81 -10.75 43.36
N ALA D 3 32.80 -11.16 42.57
CA ALA D 3 32.63 -11.44 41.13
C ALA D 3 31.67 -12.62 40.81
N MSE D 4 31.76 -13.70 41.59
CA MSE D 4 30.94 -14.91 41.35
C MSE D 4 30.13 -15.35 42.55
O MSE D 4 30.65 -15.48 43.65
CB MSE D 4 31.82 -16.04 40.75
CG MSE D 4 32.09 -17.25 41.60
SE MSE D 4 30.48 -18.38 41.90
CE MSE D 4 31.06 -19.17 43.58
N THR D 5 28.82 -15.56 42.35
CA THR D 5 27.96 -16.05 43.40
C THR D 5 27.03 -17.13 42.83
N GLN D 6 26.59 -18.04 43.70
CA GLN D 6 25.54 -18.99 43.39
C GLN D 6 24.45 -18.85 44.38
N GLU D 7 23.25 -19.20 43.97
CA GLU D 7 22.12 -19.17 44.86
C GLU D 7 21.04 -20.14 44.36
N ILE D 8 20.22 -20.58 45.27
CA ILE D 8 19.05 -21.38 44.96
C ILE D 8 17.96 -20.36 44.94
N GLU D 9 17.23 -20.28 43.83
CA GLU D 9 16.14 -19.34 43.70
C GLU D 9 14.85 -20.10 43.50
N ILE D 10 13.89 -19.82 44.37
CA ILE D 10 12.55 -20.34 44.23
C ILE D 10 11.70 -19.14 43.91
N GLU D 11 11.04 -19.19 42.75
CA GLU D 11 10.29 -18.06 42.20
C GLU D 11 8.97 -18.44 41.54
N PHE D 12 7.87 -17.84 41.98
CA PHE D 12 6.56 -18.08 41.36
C PHE D 12 6.17 -16.92 40.45
N LYS D 13 5.51 -17.22 39.34
CA LYS D 13 5.25 -16.24 38.28
C LYS D 13 3.82 -16.34 37.81
N ASN D 14 3.13 -15.21 37.74
CA ASN D 14 1.78 -15.16 37.18
C ASN D 14 1.67 -14.04 36.15
N ILE D 15 1.10 -14.36 34.99
CA ILE D 15 0.85 -13.35 33.96
C ILE D 15 -0.30 -12.48 34.40
N VAL D 16 -0.24 -11.19 34.10
CA VAL D 16 -1.34 -10.29 34.39
C VAL D 16 -1.64 -9.36 33.21
N THR D 17 -2.82 -8.75 33.20
CA THR D 17 -3.20 -7.82 32.15
C THR D 17 -2.59 -6.47 32.46
N GLU D 18 -2.41 -5.62 31.44
CA GLU D 18 -1.86 -4.30 31.73
C GLU D 18 -2.59 -3.64 32.92
N GLU D 19 -3.90 -3.87 33.01
CA GLU D 19 -4.77 -3.15 33.92
CA GLU D 19 -4.77 -3.14 33.93
C GLU D 19 -4.61 -3.63 35.37
N GLU D 20 -4.35 -4.93 35.55
CA GLU D 20 -4.15 -5.51 36.88
C GLU D 20 -2.81 -5.06 37.45
N PHE D 21 -1.79 -5.07 36.58
CA PHE D 21 -0.43 -4.65 36.90
C PHE D 21 -0.42 -3.28 37.61
N HIS D 22 -1.02 -2.30 36.95
CA HIS D 22 -1.10 -0.94 37.49
C HIS D 22 -1.73 -0.92 38.87
N ALA D 23 -2.83 -1.64 39.03
CA ALA D 23 -3.56 -1.71 40.32
C ALA D 23 -2.69 -2.24 41.46
N LEU D 24 -1.70 -3.08 41.12
CA LEU D 24 -0.73 -3.58 42.09
C LEU D 24 0.36 -2.54 42.27
N CYS D 25 0.84 -2.01 41.15
CA CYS D 25 1.74 -0.85 41.18
C CYS D 25 1.20 0.36 41.98
N LYS D 26 0.03 0.25 42.60
CA LYS D 26 -0.39 1.29 43.52
C LYS D 26 -0.72 0.73 44.90
N SER D 27 -1.41 -0.40 44.94
CA SER D 27 -1.48 -1.22 46.15
C SER D 27 -0.10 -1.40 46.83
N PHE D 28 0.94 -1.60 46.02
CA PHE D 28 2.32 -1.70 46.52
C PHE D 28 3.14 -0.43 46.27
N SER D 29 2.46 0.68 45.96
CA SER D 29 3.11 1.99 45.76
C SER D 29 4.36 1.97 44.83
N ILE D 30 4.34 1.12 43.80
CA ILE D 30 5.50 0.99 42.88
C ILE D 30 5.53 2.19 41.93
N GLU D 31 6.64 2.95 41.90
CA GLU D 31 6.74 4.10 40.97
C GLU D 31 7.96 4.05 40.04
N VAL D 32 9.04 3.46 40.52
CA VAL D 32 10.30 3.52 39.84
C VAL D 32 10.64 2.14 39.24
N PHE D 33 10.78 2.11 37.93
CA PHE D 33 11.21 0.92 37.25
C PHE D 33 12.61 1.14 36.76
N THR D 34 13.36 0.04 36.63
CA THR D 34 14.72 0.02 36.12
C THR D 34 14.86 -0.89 34.89
N LYS D 35 15.52 -0.38 33.88
CA LYS D 35 15.67 -1.12 32.64
C LYS D 35 16.76 -2.13 32.82
N GLN D 36 16.52 -3.35 32.34
CA GLN D 36 17.60 -4.29 32.15
C GLN D 36 17.41 -4.97 30.82
N VAL D 37 18.51 -5.37 30.18
CA VAL D 37 18.48 -6.06 28.90
C VAL D 37 19.13 -7.43 29.05
N ASN D 38 18.41 -8.51 28.71
CA ASN D 38 19.05 -9.80 28.70
C ASN D 38 19.42 -10.28 27.35
N HIS D 39 20.65 -10.74 27.23
CA HIS D 39 21.21 -11.26 26.00
C HIS D 39 21.36 -12.79 26.13
N TYR D 40 20.60 -13.55 25.35
CA TYR D 40 20.48 -15.01 25.60
C TYR D 40 21.18 -15.84 24.59
N PHE D 41 21.58 -17.03 25.00
CA PHE D 41 22.39 -17.94 24.18
C PHE D 41 21.72 -19.28 24.16
N GLU D 42 22.04 -20.09 23.15
CA GLU D 42 21.39 -21.39 23.02
C GLU D 42 22.09 -22.17 21.87
N THR D 43 21.97 -23.48 21.85
CA THR D 43 22.53 -24.29 20.75
C THR D 43 21.45 -24.49 19.66
N PRO D 44 21.85 -24.82 18.42
CA PRO D 44 20.86 -25.17 17.40
C PRO D 44 19.89 -26.26 17.84
N ASN D 45 20.30 -27.15 18.72
CA ASN D 45 19.42 -28.25 19.10
C ASN D 45 18.71 -27.98 20.40
N SER D 46 18.70 -26.72 20.81
CA SER D 46 18.18 -26.28 22.08
C SER D 46 18.58 -27.15 23.31
N SER D 47 19.87 -27.41 23.42
CA SER D 47 20.42 -28.14 24.56
C SER D 47 20.13 -27.48 25.94
N LEU D 48 20.15 -26.16 26.04
CA LEU D 48 19.87 -25.53 27.36
C LEU D 48 18.42 -25.76 27.76
N LYS D 49 17.51 -25.44 26.86
CA LYS D 49 16.09 -25.59 27.11
C LYS D 49 15.75 -27.02 27.46
N GLU D 50 16.33 -27.97 26.74
CA GLU D 50 16.02 -29.37 26.96
C GLU D 50 16.55 -29.84 28.29
N ALA D 51 17.62 -29.21 28.79
CA ALA D 51 18.16 -29.46 30.12
C ALA D 51 17.56 -28.57 31.18
N GLY D 52 16.45 -27.88 30.93
CA GLY D 52 15.77 -27.06 31.96
C GLY D 52 16.45 -25.73 32.32
N SER D 53 17.41 -25.30 31.49
CA SER D 53 18.37 -24.25 31.83
C SER D 53 18.33 -23.07 30.87
N ALA D 54 18.99 -22.00 31.25
CA ALA D 54 19.04 -20.77 30.48
C ALA D 54 20.37 -20.07 30.79
N LEU D 55 20.94 -19.45 29.77
CA LEU D 55 22.27 -18.85 29.78
C LEU D 55 22.12 -17.44 29.19
N ARG D 56 22.40 -16.44 30.02
CA ARG D 56 22.19 -15.07 29.68
C ARG D 56 23.30 -14.13 30.17
N ILE D 57 23.52 -13.05 29.44
CA ILE D 57 24.16 -11.87 30.00
C ILE D 57 23.21 -10.73 30.24
N ARG D 58 23.03 -10.41 31.50
CA ARG D 58 22.19 -9.28 31.85
C ARG D 58 23.05 -8.00 31.79
N HIS D 59 22.57 -6.98 31.11
CA HIS D 59 23.11 -5.63 31.23
C HIS D 59 22.11 -4.76 31.99
N LYS D 60 22.53 -4.31 33.15
CA LYS D 60 21.68 -3.44 33.97
C LYS D 60 22.53 -2.36 34.61
N GLY D 61 22.13 -1.11 34.42
CA GLY D 61 22.98 0.03 34.80
C GLY D 61 24.24 -0.07 33.96
N GLU D 62 25.39 -0.18 34.61
CA GLU D 62 26.64 -0.42 33.92
C GLU D 62 27.26 -1.81 34.19
N THR D 63 26.48 -2.73 34.76
CA THR D 63 27.00 -4.05 35.09
C THR D 63 26.55 -5.07 34.07
N TYR D 64 27.47 -5.91 33.63
CA TYR D 64 27.23 -7.06 32.80
C TYR D 64 27.43 -8.31 33.64
N THR D 65 26.46 -9.21 33.64
CA THR D 65 26.46 -10.41 34.46
C THR D 65 26.09 -11.63 33.62
N LEU D 66 27.01 -12.56 33.55
CA LEU D 66 26.75 -13.82 32.87
C LEU D 66 26.08 -14.74 33.90
N THR D 67 24.90 -15.27 33.58
CA THR D 67 24.19 -16.17 34.43
C THR D 67 23.73 -17.44 33.73
N LEU D 68 23.93 -18.56 34.41
CA LEU D 68 23.34 -19.80 34.07
C LEU D 68 22.28 -20.10 35.12
N LYS D 69 21.06 -20.37 34.69
CA LYS D 69 20.05 -21.03 35.50
C LYS D 69 19.87 -22.51 35.10
N GLN D 70 19.71 -23.37 36.10
CA GLN D 70 19.55 -24.82 35.87
C GLN D 70 18.73 -25.41 36.99
N PRO D 71 18.19 -26.61 36.78
CA PRO D 71 17.28 -27.16 37.80
C PRO D 71 17.97 -27.52 39.11
N ALA D 72 17.28 -27.20 40.20
CA ALA D 72 17.64 -27.66 41.51
C ALA D 72 16.61 -28.72 41.88
N GLU D 73 16.74 -29.27 43.08
CA GLU D 73 15.74 -30.14 43.62
C GLU D 73 14.48 -29.37 43.81
N VAL D 74 14.60 -28.10 44.20
CA VAL D 74 13.46 -27.19 44.26
C VAL D 74 13.91 -25.86 43.65
N GLY D 75 13.11 -25.27 42.77
CA GLY D 75 13.45 -24.00 42.19
C GLY D 75 14.62 -24.20 41.26
N LEU D 76 15.51 -23.21 41.19
CA LEU D 76 16.60 -23.26 40.24
C LEU D 76 17.90 -22.93 40.94
N LEU D 77 18.99 -23.53 40.48
CA LEU D 77 20.28 -23.10 40.94
C LEU D 77 20.83 -22.08 39.91
N GLU D 78 21.20 -20.89 40.40
CA GLU D 78 21.74 -19.84 39.54
C GLU D 78 23.21 -19.61 39.85
N THR D 79 24.01 -19.43 38.82
CA THR D 79 25.42 -19.11 38.96
C THR D 79 25.63 -17.80 38.20
N HIS D 80 26.11 -16.76 38.92
CA HIS D 80 26.30 -15.41 38.40
C HIS D 80 27.77 -15.14 38.36
N GLN D 81 28.22 -14.51 37.28
CA GLN D 81 29.59 -14.09 37.09
C GLN D 81 29.61 -12.68 36.44
N VAL D 82 30.04 -11.68 37.23
CA VAL D 82 30.16 -10.33 36.73
C VAL D 82 31.34 -10.39 35.75
N VAL D 83 31.16 -9.77 34.57
CA VAL D 83 32.22 -9.68 33.54
C VAL D 83 32.39 -8.23 33.04
N THR D 84 33.48 -7.90 32.35
CA THR D 84 33.62 -6.56 31.84
C THR D 84 32.71 -6.38 30.62
N GLU D 85 32.40 -5.13 30.29
CA GLU D 85 31.69 -4.82 29.05
C GLU D 85 32.36 -5.51 27.82
N ASN D 86 33.69 -5.42 27.70
CA ASN D 86 34.36 -6.02 26.56
C ASN D 86 34.23 -7.53 26.54
N GLU D 87 34.28 -8.18 27.71
CA GLU D 87 34.02 -9.60 27.81
C GLU D 87 32.62 -9.92 27.38
N ALA D 88 31.63 -9.15 27.78
CA ALA D 88 30.26 -9.44 27.39
C ALA D 88 30.19 -9.34 25.86
N LYS D 89 30.76 -8.26 25.33
CA LYS D 89 30.69 -8.02 23.93
C LYS D 89 31.45 -9.06 23.10
N MSE D 90 32.53 -9.63 23.60
CA MSE D 90 33.22 -10.67 22.83
C MSE D 90 32.48 -12.04 22.85
O MSE D 90 32.58 -12.87 21.91
CB MSE D 90 34.65 -10.86 23.32
CG MSE D 90 35.60 -9.68 23.09
SE MSE D 90 35.83 -9.10 21.22
CE MSE D 90 34.39 -7.81 20.94
N MSE D 91 31.75 -12.31 23.93
CA MSE D 91 30.97 -13.51 23.97
C MSE D 91 29.91 -13.38 22.90
O MSE D 91 29.73 -14.28 22.08
CB MSE D 91 30.38 -13.76 25.34
CG MSE D 91 31.37 -14.38 26.35
SE MSE D 91 30.44 -14.84 28.00
CE MSE D 91 31.05 -13.29 28.93
N MSE D 92 29.23 -12.23 22.86
CA MSE D 92 28.19 -12.00 21.87
C MSE D 92 28.75 -12.07 20.43
O MSE D 92 28.14 -12.64 19.54
CB MSE D 92 27.50 -10.66 22.16
CG MSE D 92 26.59 -10.74 23.39
SE MSE D 92 25.73 -9.11 23.78
CE MSE D 92 27.18 -8.12 24.50
N GLU D 93 29.93 -11.53 20.18
CA GLU D 93 30.48 -11.50 18.82
C GLU D 93 31.12 -12.79 18.36
N THR D 94 31.71 -13.56 19.25
CA THR D 94 32.45 -14.75 18.84
C THR D 94 31.80 -16.05 19.32
N ASN D 95 30.81 -15.93 20.20
CA ASN D 95 30.11 -17.08 20.77
C ASN D 95 31.00 -17.89 21.69
N VAL D 96 32.20 -17.42 22.01
CA VAL D 96 33.03 -18.15 22.95
C VAL D 96 32.71 -17.70 24.37
N ILE D 97 32.28 -18.63 25.20
CA ILE D 97 31.89 -18.33 26.57
C ILE D 97 33.15 -18.25 27.43
N ILE D 98 33.22 -17.24 28.28
CA ILE D 98 34.37 -16.98 29.14
C ILE D 98 34.51 -18.06 30.20
N SER D 99 35.74 -18.36 30.58
CA SER D 99 35.99 -19.37 31.59
C SER D 99 35.62 -18.82 32.99
N GLY D 100 35.45 -19.72 33.95
CA GLY D 100 35.02 -19.40 35.32
C GLY D 100 33.91 -20.34 35.79
N ALA D 101 33.07 -19.85 36.69
CA ALA D 101 32.09 -20.70 37.38
C ALA D 101 30.94 -21.10 36.47
N VAL D 102 30.50 -20.18 35.62
CA VAL D 102 29.41 -20.49 34.70
C VAL D 102 29.87 -21.60 33.74
N MSE D 103 31.06 -21.45 33.19
CA MSE D 103 31.60 -22.45 32.28
C MSE D 103 31.71 -23.79 33.01
O MSE D 103 31.35 -24.84 32.42
CB MSE D 103 32.98 -22.02 31.71
CG MSE D 103 33.67 -23.16 30.89
SE MSE D 103 32.70 -23.52 29.31
CE MSE D 103 33.46 -22.04 28.29
N ASN D 104 32.19 -23.76 34.27
CA ASN D 104 32.33 -25.01 35.03
C ASN D 104 30.98 -25.72 35.17
N GLN D 105 29.93 -24.95 35.50
CA GLN D 105 28.59 -25.50 35.60
C GLN D 105 28.02 -25.98 34.25
N LEU D 106 28.36 -25.31 33.15
CA LEU D 106 27.84 -25.69 31.85
C LEU D 106 28.43 -27.05 31.44
N CYS D 107 29.70 -27.25 31.79
CA CYS D 107 30.39 -28.51 31.53
C CYS D 107 29.86 -29.70 32.34
N LYS D 108 29.61 -29.48 33.62
CA LYS D 108 29.00 -30.50 34.46
C LYS D 108 27.63 -30.86 33.94
N LEU D 109 26.90 -29.84 33.51
CA LEU D 109 25.60 -30.08 32.94
C LEU D 109 25.64 -30.78 31.56
N GLN D 110 26.85 -30.92 30.97
CA GLN D 110 27.07 -31.60 29.69
C GLN D 110 26.51 -30.84 28.50
N ILE D 111 26.45 -29.51 28.60
CA ILE D 111 26.02 -28.71 27.49
C ILE D 111 27.15 -28.73 26.46
N PRO D 112 26.83 -28.83 25.16
CA PRO D 112 27.94 -28.82 24.19
C PRO D 112 28.37 -27.38 23.97
N VAL D 113 29.39 -26.97 24.71
CA VAL D 113 29.65 -25.53 24.85
C VAL D 113 30.10 -24.83 23.56
N SER D 114 30.83 -25.56 22.69
CA SER D 114 31.31 -24.98 21.45
C SER D 114 30.17 -24.70 20.46
N ALA D 115 28.99 -25.26 20.72
CA ALA D 115 27.82 -25.01 19.89
C ALA D 115 26.99 -23.81 20.38
N LEU D 116 27.20 -23.31 21.58
CA LEU D 116 26.41 -22.17 22.01
C LEU D 116 26.57 -21.03 21.03
N THR D 117 25.47 -20.43 20.59
CA THR D 117 25.51 -19.15 19.90
C THR D 117 24.61 -18.12 20.56
N TYR D 118 24.94 -16.87 20.28
CA TYR D 118 24.17 -15.74 20.79
C TYR D 118 22.96 -15.63 19.90
N MSE D 119 21.76 -15.73 20.48
CA MSE D 119 20.55 -15.79 19.70
C MSE D 119 19.73 -14.51 19.76
O MSE D 119 18.93 -14.23 18.85
CB MSE D 119 19.72 -16.96 20.19
CG MSE D 119 20.35 -18.32 19.93
SE MSE D 119 20.48 -18.62 18.12
CE MSE D 119 20.36 -20.58 18.09
N GLY D 120 19.86 -13.72 20.80
CA GLY D 120 19.00 -12.54 20.82
C GLY D 120 19.01 -11.81 22.11
N SER D 121 18.08 -10.87 22.24
CA SER D 121 18.04 -10.07 23.42
C SER D 121 16.66 -9.50 23.70
N LEU D 122 16.42 -9.09 24.94
CA LEU D 122 15.17 -8.44 25.25
C LEU D 122 15.30 -7.49 26.37
N THR D 123 14.36 -6.55 26.45
CA THR D 123 14.36 -5.48 27.43
C THR D 123 13.20 -5.65 28.41
N THR D 124 13.49 -5.48 29.69
CA THR D 124 12.55 -5.65 30.73
C THR D 124 12.64 -4.37 31.61
N GLU D 125 11.49 -3.82 32.00
CA GLU D 125 11.43 -2.88 33.08
C GLU D 125 10.98 -3.67 34.34
N ARG D 126 11.84 -3.68 35.37
CA ARG D 126 11.67 -4.47 36.62
C ARG D 126 11.55 -3.53 37.84
N ALA D 127 10.65 -3.84 38.77
CA ALA D 127 10.66 -3.17 40.08
C ALA D 127 10.49 -4.19 41.19
N GLU D 128 11.12 -3.91 42.35
CA GLU D 128 11.13 -4.79 43.54
C GLU D 128 10.38 -4.20 44.72
N THR D 129 10.01 -5.07 45.65
CA THR D 129 9.54 -4.68 46.99
C THR D 129 9.45 -5.94 47.84
N LEU D 130 9.71 -5.81 49.14
CA LEU D 130 9.62 -6.97 50.04
C LEU D 130 8.17 -7.23 50.42
N PHE D 131 7.87 -8.46 50.83
CA PHE D 131 6.52 -8.84 51.26
C PHE D 131 6.47 -10.28 51.77
N GLU D 132 6.12 -10.45 53.05
CA GLU D 132 5.83 -11.76 53.65
C GLU D 132 6.76 -12.94 53.32
N GLY D 133 8.02 -12.83 53.76
CA GLY D 133 9.02 -13.90 53.58
C GLY D 133 9.98 -13.69 52.41
N GLY D 134 9.60 -12.82 51.47
CA GLY D 134 10.36 -12.63 50.20
C GLY D 134 10.08 -11.38 49.36
N THR D 135 10.53 -11.41 48.09
CA THR D 135 10.49 -10.25 47.16
C THR D 135 9.43 -10.40 46.07
N LEU D 136 8.53 -9.42 45.99
CA LEU D 136 7.56 -9.29 44.90
C LEU D 136 8.22 -8.59 43.73
N VAL D 137 8.18 -9.21 42.55
CA VAL D 137 8.79 -8.63 41.36
C VAL D 137 7.68 -8.26 40.37
N PHE D 138 7.78 -7.04 39.85
CA PHE D 138 6.86 -6.49 38.85
C PHE D 138 7.63 -6.32 37.54
N ASP D 139 7.22 -7.00 36.49
CA ASP D 139 8.04 -7.15 35.28
C ASP D 139 7.19 -6.83 34.04
N HIS D 140 7.53 -5.77 33.34
CA HIS D 140 6.93 -5.41 32.05
C HIS D 140 8.00 -5.70 30.99
N SER D 141 7.83 -6.78 30.22
CA SER D 141 8.88 -7.20 29.25
C SER D 141 8.45 -6.96 27.77
N PHE D 142 9.39 -6.56 26.91
CA PHE D 142 9.13 -6.26 25.51
C PHE D 142 9.64 -7.35 24.57
N TYR D 143 8.76 -8.26 24.19
CA TYR D 143 9.13 -9.33 23.24
C TYR D 143 8.91 -8.92 21.80
N TYR D 144 9.32 -9.79 20.91
CA TYR D 144 9.34 -9.50 19.49
C TYR D 144 8.03 -8.95 18.98
N ASN D 145 6.91 -9.62 19.23
CA ASN D 145 5.62 -9.11 18.75
C ASN D 145 4.66 -8.59 19.84
N HIS D 146 5.02 -8.78 21.10
CA HIS D 146 4.09 -8.50 22.19
C HIS D 146 4.87 -8.06 23.42
N ASP D 147 4.20 -7.36 24.31
CA ASP D 147 4.78 -7.08 25.60
C ASP D 147 3.91 -7.69 26.70
N ASP D 148 4.56 -8.20 27.74
CA ASP D 148 3.87 -8.93 28.82
C ASP D 148 4.06 -8.23 30.15
N TYR D 149 3.03 -8.28 30.98
CA TYR D 149 3.18 -7.93 32.38
C TYR D 149 3.08 -9.20 33.20
N GLU D 150 4.03 -9.38 34.12
CA GLU D 150 3.92 -10.43 35.13
C GLU D 150 4.26 -9.92 36.52
N ILE D 151 3.63 -10.53 37.52
CA ILE D 151 4.03 -10.37 38.90
C ILE D 151 4.74 -11.67 39.31
N GLU D 152 5.84 -11.54 40.05
CA GLU D 152 6.56 -12.72 40.51
C GLU D 152 6.86 -12.58 41.97
N PHE D 153 7.06 -13.72 42.61
CA PHE D 153 7.37 -13.75 44.02
C PHE D 153 8.49 -14.74 44.20
N GLU D 154 9.59 -14.28 44.81
CA GLU D 154 10.73 -15.16 45.09
C GLU D 154 10.98 -15.30 46.58
N VAL D 155 10.93 -16.55 47.04
CA VAL D 155 10.73 -16.86 48.45
C VAL D 155 12.00 -17.49 49.06
N GLN D 156 11.90 -17.91 50.32
CA GLN D 156 12.97 -18.71 50.94
C GLN D 156 12.48 -20.10 51.38
N ASP D 157 11.26 -20.48 50.97
CA ASP D 157 10.59 -21.73 51.38
C ASP D 157 9.37 -21.96 50.45
N GLU D 158 9.41 -23.13 49.76
CA GLU D 158 8.43 -23.42 48.72
C GLU D 158 6.97 -23.37 49.17
N GLU D 159 6.56 -24.31 50.04
CA GLU D 159 5.15 -24.46 50.43
C GLU D 159 4.55 -23.22 51.10
N THR D 160 5.33 -22.57 51.98
CA THR D 160 4.88 -21.34 52.64
C THR D 160 4.76 -20.20 51.64
N GLY D 161 5.78 -20.06 50.79
CA GLY D 161 5.81 -19.05 49.73
C GLY D 161 4.65 -19.18 48.76
N LYS D 162 4.50 -20.38 48.21
CA LYS D 162 3.46 -20.65 47.20
C LYS D 162 2.08 -20.26 47.70
N ALA D 163 1.74 -20.73 48.90
CA ALA D 163 0.44 -20.42 49.49
C ALA D 163 0.28 -18.91 49.62
N ALA D 164 1.31 -18.23 50.12
CA ALA D 164 1.28 -16.78 50.30
C ALA D 164 1.08 -16.03 48.97
N PHE D 165 1.61 -16.59 47.89
CA PHE D 165 1.47 -16.02 46.56
C PHE D 165 0.08 -16.25 45.98
N ILE D 166 -0.34 -17.52 45.95
CA ILE D 166 -1.73 -17.89 45.62
C ILE D 166 -2.70 -17.03 46.45
N HIS D 167 -2.34 -16.81 47.71
CA HIS D 167 -3.12 -15.97 48.61
C HIS D 167 -3.25 -14.55 48.10
N LEU D 168 -2.14 -13.95 47.70
CA LEU D 168 -2.17 -12.56 47.25
C LEU D 168 -3.05 -12.36 46.01
N LEU D 169 -2.88 -13.23 45.01
CA LEU D 169 -3.57 -13.09 43.70
C LEU D 169 -5.11 -13.12 43.80
N LYS D 170 -5.64 -14.00 44.65
CA LYS D 170 -7.07 -13.97 44.98
C LYS D 170 -7.48 -12.54 45.36
N GLN D 171 -6.76 -11.98 46.34
CA GLN D 171 -7.10 -10.70 46.98
C GLN D 171 -7.20 -9.47 46.05
N HIS D 172 -6.48 -9.49 44.92
CA HIS D 172 -6.62 -8.48 43.87
C HIS D 172 -7.40 -9.01 42.65
N ASN D 173 -8.31 -9.96 42.91
CA ASN D 173 -9.15 -10.56 41.87
C ASN D 173 -8.35 -10.97 40.66
N ILE D 174 -7.20 -11.59 40.87
CA ILE D 174 -6.32 -11.98 39.78
C ILE D 174 -6.39 -13.47 39.53
N PRO D 175 -6.78 -13.87 38.31
CA PRO D 175 -6.72 -15.30 37.99
C PRO D 175 -5.28 -15.84 37.95
N ILE D 176 -5.08 -17.00 38.55
CA ILE D 176 -3.94 -17.87 38.23
C ILE D 176 -3.87 -17.98 36.71
N ARG D 177 -2.67 -17.92 36.14
CA ARG D 177 -2.53 -17.73 34.71
C ARG D 177 -1.08 -17.98 34.25
P PO4 E . -22.35 6.46 -20.16
O1 PO4 E . -22.26 5.44 -19.04
O2 PO4 E . -21.55 7.68 -19.80
O3 PO4 E . -21.69 5.91 -21.39
O4 PO4 E . -23.80 6.81 -20.30
P PO4 F . -26.24 11.61 -19.31
O1 PO4 F . -27.49 11.48 -18.45
O2 PO4 F . -26.39 12.53 -20.50
O3 PO4 F . -25.17 12.18 -18.42
O4 PO4 F . -25.91 10.20 -19.79
P PO4 G . -6.78 0.39 -15.88
O1 PO4 G . -5.88 0.06 -14.70
O2 PO4 G . -6.45 1.82 -16.24
O3 PO4 G . -6.46 -0.57 -17.00
O4 PO4 G . -8.25 0.27 -15.56
P PO4 H . -19.97 0.48 -20.92
O1 PO4 H . -19.10 0.27 -19.70
O2 PO4 H . -20.22 1.96 -21.10
O3 PO4 H . -19.27 0.03 -22.17
O4 PO4 H . -21.21 -0.34 -20.76
P PO4 I . 23.49 -8.94 14.18
O1 PO4 I . 22.98 -9.04 15.61
O2 PO4 I . 24.85 -8.29 14.19
O3 PO4 I . 23.62 -10.34 13.62
O4 PO4 I . 22.53 -8.12 13.31
P PO4 J . 16.71 -25.50 11.57
O1 PO4 J . 17.27 -24.89 12.86
O2 PO4 J . 15.66 -24.56 11.05
O3 PO4 J . 17.79 -25.61 10.52
O4 PO4 J . 16.06 -26.86 11.81
P PO4 K . 8.20 -11.52 6.53
O1 PO4 K . 8.17 -12.10 7.94
O2 PO4 K . 9.49 -10.76 6.31
O3 PO4 K . 8.14 -12.61 5.48
O4 PO4 K . 7.03 -10.57 6.41
P PO4 L . 22.29 -6.72 20.14
O1 PO4 L . 23.42 -6.64 21.12
O2 PO4 L . 22.64 -5.74 19.06
O3 PO4 L . 22.16 -8.11 19.56
O4 PO4 L . 21.00 -6.34 20.84
P PO4 M . 23.15 -3.58 25.47
O1 PO4 M . 22.58 -4.32 26.66
O2 PO4 M . 23.19 -2.10 25.76
O3 PO4 M . 24.51 -4.23 25.13
O4 PO4 M . 22.12 -3.68 24.34
P PO4 N . 17.08 -11.42 35.74
O1 PO4 N . 17.36 -12.54 36.72
O2 PO4 N . 16.82 -10.13 36.54
O3 PO4 N . 18.25 -11.15 34.83
O4 PO4 N . 15.86 -11.85 34.92
#